data_6YV9
#
_entry.id   6YV9
#
_cell.length_a   51.465
_cell.length_b   107.418
_cell.length_c   163.845
_cell.angle_alpha   90.00
_cell.angle_beta   90.00
_cell.angle_gamma   90.00
#
_symmetry.space_group_name_H-M   'P 21 21 21'
#
loop_
_entity.id
_entity.type
_entity.pdbx_description
1 polymer 'Glycosyl transferase, family 2'
2 polymer 'Glycosyl transferase, family 2'
3 non-polymer "GUANOSINE-5'-DIPHOSPHATE-ALPHA-D-MANNOSE"
4 non-polymer 'MANGANESE (II) ION'
#
loop_
_entity_poly.entity_id
_entity_poly.type
_entity_poly.pdbx_seq_one_letter_code
_entity_poly.pdbx_strand_id
1 'polypeptide(L)'
;LLEAIAIALTAAHFGAPLLYYWRAKRWLKKPWDVAPDPTYRPRVTVIVPTYNEAPLIEEKLDNIYEQDYPRDKLEVVVVD
SASTDGTPSAVRRWAETHPDLALTLVEETERRGKAHALNTALRHATGEIVVITDADALWPARDTLANAVKWLADPTVGAV
SCVKRPAGPAGVEDSYRDFYNVLRVAESKAWATPIFHGELAAFKRELLERLGGFPTDVGADDSHTATKIAMMGYRAITPP
DVVCVEAVPKRGYHAWRIRRAQHLVQHFAKAIRDGKAPPPFKPILHAEAYLHLANPWALPTAAAALAAAAAAGSLPAAAL
LATGAALALYKPYRTWTTMQAYLIAAAVKNLWDKE
;
A
2 'polypeptide(L)'
;MLLEAIAIALTAAHFGAPLLYYWRAKRWLKKPWDVAPDPTYRPRVTVIVPTYNEAPLIEEKLDNIYEQDYPRDKLEVVVV
DSASTDGTPSAVRRWAETHPDLALTLVEETERRGKAHALNTALRHATGEIVVITDADALWPARDTLANAVKWLADPTVGA
VSCVKRPAGPAGVEDSYRDFYNVLRVAESKAWATPIFHGELAAFKRELLERLGGFPTDVGADDSHTATKIAMMGYRAITP
PDVVCVEAVPKRGYHAWRIRRAQHLVQHFAKAIRDGKAPPPFKPILHAEAYLHLANPWALPTAAAALAAAAAAGSLPAAA
LLATGAALALYKPYRTWTTMQAYLIAAAVKNLWDKE
;
B
#
loop_
_chem_comp.id
_chem_comp.type
_chem_comp.name
_chem_comp.formula
GDD non-polymer GUANOSINE-5'-DIPHOSPHATE-ALPHA-D-MANNOSE 'C16 H25 N5 O16 P2'
MN non-polymer 'MANGANESE (II) ION' 'Mn 2'
#
# COMPACT_ATOMS: atom_id res chain seq x y z
N LEU A 1 20.96 -16.93 9.91
CA LEU A 1 21.31 -15.54 9.60
C LEU A 1 20.11 -14.60 9.58
N LEU A 2 18.94 -15.12 9.18
CA LEU A 2 17.77 -14.25 9.07
C LEU A 2 17.13 -14.00 10.43
N GLU A 3 17.34 -14.88 11.41
CA GLU A 3 17.00 -14.55 12.80
C GLU A 3 17.92 -13.49 13.37
N ALA A 4 19.18 -13.45 12.90
CA ALA A 4 20.09 -12.42 13.35
C ALA A 4 19.60 -11.03 12.97
N ILE A 5 19.24 -10.85 11.71
CA ILE A 5 18.79 -9.54 11.29
C ILE A 5 17.36 -9.30 11.72
N ALA A 6 16.57 -10.35 11.89
CA ALA A 6 15.24 -10.14 12.46
C ALA A 6 15.34 -9.56 13.88
N ILE A 7 16.23 -10.11 14.71
CA ILE A 7 16.32 -9.58 16.07
C ILE A 7 17.08 -8.25 16.10
N ALA A 8 18.05 -8.03 15.20
CA ALA A 8 18.64 -6.70 15.09
C ALA A 8 17.58 -5.66 14.74
N LEU A 9 16.83 -5.90 13.66
CA LEU A 9 15.79 -4.96 13.24
C LEU A 9 14.73 -4.78 14.32
N THR A 10 14.38 -5.86 15.04
CA THR A 10 13.42 -5.69 16.13
C THR A 10 14.00 -4.83 17.26
N ALA A 11 15.29 -5.02 17.57
CA ALA A 11 15.94 -4.20 18.58
C ALA A 11 15.99 -2.74 18.17
N ALA A 12 16.46 -2.46 16.96
CA ALA A 12 16.51 -1.08 16.47
C ALA A 12 15.10 -0.46 16.44
N HIS A 13 14.12 -1.20 15.94
CA HIS A 13 12.75 -0.69 15.80
C HIS A 13 12.14 -0.32 17.15
N PHE A 14 12.28 -1.18 18.16
CA PHE A 14 11.66 -0.83 19.43
C PHE A 14 12.55 0.08 20.28
N GLY A 15 13.85 0.12 20.01
CA GLY A 15 14.77 0.93 20.77
C GLY A 15 14.70 2.38 20.41
N ALA A 16 14.49 2.69 19.13
CA ALA A 16 14.39 4.10 18.74
C ALA A 16 13.33 4.85 19.53
N PRO A 17 12.05 4.42 19.54
CA PRO A 17 11.05 5.14 20.35
C PRO A 17 11.35 5.13 21.84
N LEU A 18 11.86 4.03 22.40
CA LEU A 18 12.06 4.03 23.86
C LEU A 18 13.17 5.00 24.27
N LEU A 19 14.28 5.03 23.53
CA LEU A 19 15.34 5.98 23.85
C LEU A 19 14.82 7.41 23.70
N TYR A 20 14.10 7.67 22.60
CA TYR A 20 13.50 8.99 22.43
C TYR A 20 12.55 9.34 23.56
N TYR A 21 11.75 8.36 24.02
CA TYR A 21 10.81 8.60 25.11
C TYR A 21 11.52 8.97 26.40
N TRP A 22 12.67 8.34 26.67
CA TRP A 22 13.43 8.72 27.86
C TRP A 22 13.95 10.14 27.73
N ARG A 23 14.46 10.51 26.54
CA ARG A 23 14.90 11.91 26.40
C ARG A 23 13.74 12.89 26.48
N ALA A 24 12.56 12.47 26.06
CA ALA A 24 11.37 13.30 26.22
C ALA A 24 11.00 13.45 27.69
N LYS A 25 11.11 12.38 28.47
CA LYS A 25 10.74 12.47 29.87
C LYS A 25 11.73 13.34 30.64
N ARG A 26 12.96 13.50 30.14
CA ARG A 26 13.86 14.46 30.78
C ARG A 26 13.58 15.90 30.32
N TRP A 27 13.12 16.08 29.07
CA TRP A 27 12.59 17.37 28.65
C TRP A 27 11.34 17.77 29.45
N LEU A 28 10.57 16.78 29.89
CA LEU A 28 9.30 17.00 30.60
C LEU A 28 9.52 17.54 31.99
N LYS A 29 10.74 17.39 32.50
CA LYS A 29 11.10 17.81 33.85
C LYS A 29 11.31 19.31 33.93
N LYS A 30 11.77 19.93 32.84
CA LYS A 30 12.12 21.34 32.94
C LYS A 30 10.85 22.20 33.00
N PRO A 31 10.97 23.42 33.53
CA PRO A 31 9.80 24.28 33.65
C PRO A 31 9.55 24.97 32.34
N TRP A 32 8.29 25.29 32.11
CA TRP A 32 7.94 26.06 30.94
C TRP A 32 8.73 27.35 30.92
N ASP A 33 9.16 27.69 29.72
CA ASP A 33 10.05 28.79 29.40
C ASP A 33 9.21 29.99 28.96
N VAL A 34 7.88 29.81 29.01
CA VAL A 34 6.81 30.77 28.70
C VAL A 34 5.64 30.55 29.65
N ALA A 35 4.82 31.59 29.81
CA ALA A 35 3.70 31.47 30.74
C ALA A 35 2.38 31.88 30.09
N PRO A 36 1.31 31.16 30.38
CA PRO A 36 0.00 31.67 29.96
C PRO A 36 -0.35 32.96 30.75
N ASP A 37 -0.95 33.92 30.06
CA ASP A 37 -1.36 35.18 30.67
C ASP A 37 -2.87 35.23 30.63
N PRO A 38 -3.55 35.21 31.79
CA PRO A 38 -5.03 35.12 31.78
C PRO A 38 -5.75 36.40 31.46
N THR A 39 -5.07 37.55 31.38
CA THR A 39 -5.73 38.81 31.04
C THR A 39 -5.54 39.23 29.59
N TYR A 40 -4.75 38.47 28.84
CA TYR A 40 -4.54 38.70 27.42
C TYR A 40 -5.85 38.49 26.69
N ARG A 41 -6.31 39.49 25.93
CA ARG A 41 -7.64 39.49 25.32
C ARG A 41 -7.61 39.91 23.84
N PRO A 42 -7.01 39.09 22.98
CA PRO A 42 -6.99 39.44 21.55
C PRO A 42 -8.31 39.16 20.83
N ARG A 43 -8.46 39.77 19.67
CA ARG A 43 -9.59 39.41 18.83
C ARG A 43 -9.34 38.02 18.24
N VAL A 44 -10.36 37.16 18.30
CA VAL A 44 -10.19 35.75 17.95
C VAL A 44 -11.19 35.35 16.88
N THR A 45 -10.69 34.80 15.77
CA THR A 45 -11.51 34.30 14.68
C THR A 45 -11.43 32.78 14.67
N VAL A 46 -12.56 32.14 14.88
CA VAL A 46 -12.67 30.70 14.85
C VAL A 46 -13.19 30.28 13.48
N ILE A 47 -12.46 29.40 12.79
CA ILE A 47 -12.77 28.99 11.44
C ILE A 47 -13.17 27.52 11.43
N VAL A 48 -14.39 27.23 10.96
CA VAL A 48 -14.86 25.86 10.87
C VAL A 48 -14.97 25.52 9.39
N PRO A 49 -14.11 24.68 8.84
CA PRO A 49 -14.32 24.20 7.47
C PRO A 49 -15.26 23.00 7.49
N THR A 50 -16.26 23.02 6.61
CA THR A 50 -17.29 21.98 6.53
C THR A 50 -17.47 21.50 5.10
N TYR A 51 -17.51 20.18 4.94
CA TYR A 51 -18.10 19.53 3.77
C TYR A 51 -18.94 18.37 4.28
N ASN A 52 -20.27 18.48 4.15
CA ASN A 52 -21.22 17.43 4.55
C ASN A 52 -21.05 17.00 6.01
N GLU A 53 -21.46 17.88 6.94
CA GLU A 53 -21.48 17.57 8.39
C GLU A 53 -22.71 18.17 9.10
N ALA A 54 -23.93 17.89 8.63
CA ALA A 54 -25.10 18.59 9.19
C ALA A 54 -25.41 18.27 10.66
N PRO A 55 -25.53 16.99 11.08
CA PRO A 55 -25.76 16.72 12.53
C PRO A 55 -24.67 17.34 13.40
N LEU A 56 -23.44 17.15 12.96
CA LEU A 56 -22.30 17.66 13.68
C LEU A 56 -22.29 19.17 13.68
N ILE A 57 -22.71 19.83 12.58
CA ILE A 57 -22.57 21.29 12.51
C ILE A 57 -23.46 21.96 13.56
N GLU A 58 -24.65 21.39 13.81
CA GLU A 58 -25.46 22.08 14.81
C GLU A 58 -24.91 21.85 16.22
N GLU A 59 -24.45 20.63 16.52
CA GLU A 59 -23.77 20.45 17.81
C GLU A 59 -22.53 21.35 17.94
N LYS A 60 -21.80 21.54 16.83
CA LYS A 60 -20.52 22.28 16.83
C LYS A 60 -20.71 23.76 17.10
N LEU A 61 -21.62 24.41 16.38
CA LEU A 61 -21.77 25.84 16.69
C LEU A 61 -22.43 26.04 18.04
N ASP A 62 -23.20 25.06 18.52
CA ASP A 62 -23.58 25.12 19.93
C ASP A 62 -22.34 25.20 20.80
N ASN A 63 -21.39 24.27 20.59
CA ASN A 63 -20.14 24.20 21.35
C ASN A 63 -19.37 25.53 21.34
N ILE A 64 -19.29 26.20 20.20
CA ILE A 64 -18.56 27.48 20.15
C ILE A 64 -19.35 28.58 20.83
N TYR A 65 -20.68 28.58 20.68
CA TYR A 65 -21.49 29.60 21.36
C TYR A 65 -21.24 29.58 22.87
N GLU A 66 -21.28 28.39 23.47
CA GLU A 66 -21.07 28.14 24.87
C GLU A 66 -19.67 28.49 25.37
N GLN A 67 -18.75 29.02 24.56
CA GLN A 67 -17.45 29.41 25.08
C GLN A 67 -17.60 30.70 25.87
N ASP A 68 -16.87 30.79 26.97
CA ASP A 68 -16.94 31.91 27.89
C ASP A 68 -16.01 33.07 27.49
N TYR A 69 -15.40 32.99 26.32
CA TYR A 69 -14.56 34.08 25.86
C TYR A 69 -15.44 35.29 25.53
N PRO A 70 -15.02 36.50 25.92
CA PRO A 70 -15.84 37.70 25.66
C PRO A 70 -16.31 37.78 24.21
N ARG A 71 -17.64 37.79 24.04
CA ARG A 71 -18.25 37.61 22.72
C ARG A 71 -17.97 38.78 21.79
N ASP A 72 -17.60 39.93 22.34
CA ASP A 72 -17.22 41.06 21.51
C ASP A 72 -15.81 40.91 20.95
N LYS A 73 -15.03 39.96 21.43
CA LYS A 73 -13.70 39.68 20.90
C LYS A 73 -13.70 38.45 20.02
N LEU A 74 -14.86 37.93 19.68
CA LEU A 74 -14.93 36.64 19.03
C LEU A 74 -15.81 36.72 17.79
N GLU A 75 -15.39 36.00 16.75
CA GLU A 75 -16.17 35.86 15.52
C GLU A 75 -15.90 34.49 14.92
N VAL A 76 -16.92 33.93 14.29
CA VAL A 76 -16.82 32.63 13.66
C VAL A 76 -16.96 32.82 12.15
N VAL A 77 -16.16 32.08 11.39
CA VAL A 77 -16.26 31.97 9.95
C VAL A 77 -16.45 30.50 9.63
N VAL A 78 -17.60 30.16 9.06
CA VAL A 78 -17.89 28.79 8.65
C VAL A 78 -17.73 28.74 7.14
N VAL A 79 -16.91 27.82 6.65
CA VAL A 79 -16.68 27.66 5.21
C VAL A 79 -17.21 26.31 4.72
N ASP A 80 -18.28 26.33 3.92
CA ASP A 80 -18.77 25.13 3.27
C ASP A 80 -18.17 25.12 1.88
N SER A 81 -17.50 24.02 1.53
CA SER A 81 -16.93 23.91 0.19
C SER A 81 -17.96 23.24 -0.70
N ALA A 82 -18.98 24.03 -1.03
CA ALA A 82 -20.08 23.69 -1.93
C ALA A 82 -20.51 22.24 -1.74
N SER A 83 -20.94 21.96 -0.52
CA SER A 83 -21.35 20.61 -0.14
C SER A 83 -22.80 20.39 -0.51
N THR A 84 -23.17 19.10 -0.58
CA THR A 84 -24.52 18.75 -1.03
C THR A 84 -25.55 18.83 0.10
N ASP A 85 -25.37 18.02 1.15
CA ASP A 85 -26.47 17.68 2.05
C ASP A 85 -26.97 18.81 2.94
N GLY A 86 -26.92 20.04 2.43
CA GLY A 86 -27.55 21.18 3.08
C GLY A 86 -27.06 21.54 4.47
N THR A 87 -25.74 21.49 4.71
CA THR A 87 -25.16 21.91 5.99
C THR A 87 -25.14 23.43 6.05
N PRO A 88 -24.88 24.18 4.97
CA PRO A 88 -25.08 25.65 5.05
C PRO A 88 -26.50 26.01 5.45
N SER A 89 -27.43 25.14 5.05
CA SER A 89 -28.85 25.37 5.25
C SER A 89 -29.24 25.15 6.69
N ALA A 90 -28.52 24.26 7.40
CA ALA A 90 -28.55 24.18 8.86
C ALA A 90 -27.77 25.32 9.54
N VAL A 91 -26.68 25.78 8.91
CA VAL A 91 -25.80 26.78 9.53
C VAL A 91 -26.54 28.09 9.77
N ARG A 92 -27.18 28.62 8.73
CA ARG A 92 -27.95 29.82 9.08
C ARG A 92 -29.19 29.54 9.92
N ARG A 93 -29.70 28.30 10.04
CA ARG A 93 -30.71 28.05 11.08
C ARG A 93 -30.13 28.38 12.46
N TRP A 94 -28.99 27.76 12.77
CA TRP A 94 -28.31 28.06 14.03
C TRP A 94 -28.02 29.56 14.10
N ALA A 95 -27.71 30.19 12.97
CA ALA A 95 -27.49 31.64 12.95
C ALA A 95 -28.79 32.43 13.19
N GLU A 96 -29.94 31.95 12.71
CA GLU A 96 -31.20 32.56 13.13
C GLU A 96 -31.39 32.54 14.63
N THR A 97 -31.08 31.44 15.31
CA THR A 97 -31.39 31.56 16.73
C THR A 97 -30.31 32.31 17.54
N HIS A 98 -29.09 32.50 17.01
CA HIS A 98 -28.00 33.10 17.79
C HIS A 98 -27.40 34.34 17.13
N PRO A 99 -28.12 35.48 17.16
CA PRO A 99 -27.62 36.68 16.46
C PRO A 99 -26.51 37.46 17.15
N ASP A 100 -26.29 37.30 18.45
CA ASP A 100 -25.28 38.14 19.10
C ASP A 100 -23.85 37.64 18.89
N LEU A 101 -23.68 36.45 18.32
CA LEU A 101 -22.37 35.90 17.98
C LEU A 101 -22.01 36.29 16.54
N ALA A 102 -20.99 37.16 16.40
CA ALA A 102 -20.51 37.61 15.10
C ALA A 102 -20.14 36.43 14.19
N LEU A 103 -20.87 36.28 13.09
CA LEU A 103 -20.70 35.10 12.22
C LEU A 103 -20.69 35.51 10.75
N THR A 104 -19.82 34.87 9.97
CA THR A 104 -19.85 34.96 8.51
C THR A 104 -19.75 33.55 7.94
N LEU A 105 -20.78 33.14 7.22
CA LEU A 105 -20.75 31.88 6.47
C LEU A 105 -20.38 32.19 5.01
N VAL A 106 -19.41 31.45 4.48
CA VAL A 106 -18.85 31.71 3.16
C VAL A 106 -18.85 30.40 2.39
N GLU A 107 -19.48 30.40 1.22
CA GLU A 107 -19.68 29.22 0.39
C GLU A 107 -18.66 29.20 -0.74
N GLU A 108 -18.25 27.99 -1.10
CA GLU A 108 -17.23 27.74 -2.10
C GLU A 108 -17.77 27.38 -3.49
N THR A 109 -16.91 27.60 -4.49
CA THR A 109 -17.09 27.06 -5.84
C THR A 109 -17.59 25.61 -5.80
N GLU A 110 -16.83 24.76 -5.09
CA GLU A 110 -16.94 23.31 -4.99
C GLU A 110 -15.67 22.89 -4.24
N ARG A 111 -15.60 21.63 -3.84
CA ARG A 111 -14.56 21.21 -2.92
C ARG A 111 -13.18 21.15 -3.57
N ARG A 112 -12.26 22.03 -3.11
CA ARG A 112 -10.86 22.04 -3.51
C ARG A 112 -9.95 21.72 -2.33
N GLY A 113 -10.47 20.99 -1.34
CA GLY A 113 -9.70 20.61 -0.19
C GLY A 113 -9.76 21.63 0.95
N LYS A 114 -9.33 21.16 2.12
CA LYS A 114 -9.48 21.94 3.36
C LYS A 114 -8.59 23.17 3.36
N ALA A 115 -7.29 23.02 3.04
CA ALA A 115 -6.38 24.17 3.08
C ALA A 115 -6.87 25.30 2.19
N HIS A 116 -7.36 24.97 0.98
CA HIS A 116 -7.83 26.00 0.08
C HIS A 116 -9.04 26.73 0.69
N ALA A 117 -9.90 25.97 1.36
CA ALA A 117 -11.03 26.60 2.05
C ALA A 117 -10.55 27.51 3.16
N LEU A 118 -9.55 27.05 3.93
CA LEU A 118 -8.99 27.84 5.01
C LEU A 118 -8.42 29.14 4.49
N ASN A 119 -7.82 29.14 3.30
CA ASN A 119 -7.28 30.39 2.78
C ASN A 119 -8.41 31.34 2.37
N THR A 120 -9.49 30.76 1.82
CA THR A 120 -10.66 31.58 1.56
C THR A 120 -11.20 32.20 2.86
N ALA A 121 -11.37 31.38 3.91
CA ALA A 121 -11.81 31.89 5.21
C ALA A 121 -10.85 32.94 5.75
N LEU A 122 -9.55 32.73 5.53
CA LEU A 122 -8.54 33.64 6.05
C LEU A 122 -8.69 35.03 5.47
N ARG A 123 -9.14 35.14 4.23
CA ARG A 123 -9.35 36.51 3.77
C ARG A 123 -10.62 37.16 4.37
N HIS A 124 -11.39 36.44 5.18
CA HIS A 124 -12.42 37.06 6.03
C HIS A 124 -12.01 37.26 7.50
N ALA A 125 -10.86 36.72 7.93
CA ALA A 125 -10.51 36.72 9.35
C ALA A 125 -10.02 38.09 9.77
N THR A 126 -10.54 38.58 10.91
CA THR A 126 -10.16 39.89 11.44
C THR A 126 -9.46 39.80 12.80
N GLY A 127 -9.21 38.59 13.33
CA GLY A 127 -8.64 38.47 14.66
C GLY A 127 -7.12 38.54 14.69
N GLU A 128 -6.57 38.76 15.90
CA GLU A 128 -5.12 38.62 16.06
C GLU A 128 -4.76 37.15 16.13
N ILE A 129 -5.72 36.32 16.57
CA ILE A 129 -5.55 34.89 16.71
C ILE A 129 -6.58 34.23 15.81
N VAL A 130 -6.13 33.23 15.05
CA VAL A 130 -6.97 32.45 14.17
C VAL A 130 -6.98 31.03 14.69
N VAL A 131 -8.16 30.51 15.02
CA VAL A 131 -8.33 29.15 15.51
C VAL A 131 -9.04 28.32 14.44
N ILE A 132 -8.37 27.30 13.92
CA ILE A 132 -8.97 26.28 13.06
C ILE A 132 -9.54 25.18 13.95
N THR A 133 -10.77 24.77 13.68
CA THR A 133 -11.31 23.62 14.40
C THR A 133 -12.21 22.79 13.48
N ASP A 134 -12.04 21.48 13.54
CA ASP A 134 -12.85 20.59 12.71
C ASP A 134 -14.28 20.52 13.25
N ALA A 135 -15.25 20.39 12.33
CA ALA A 135 -16.66 20.39 12.71
C ALA A 135 -17.01 19.23 13.64
N ASP A 136 -16.46 18.06 13.40
CA ASP A 136 -16.80 16.95 14.30
C ASP A 136 -16.16 17.07 15.69
N ALA A 137 -15.49 18.17 16.04
CA ALA A 137 -14.78 18.29 17.30
C ALA A 137 -15.57 19.20 18.25
N LEU A 138 -15.70 18.76 19.50
CA LEU A 138 -16.42 19.50 20.52
C LEU A 138 -15.47 19.82 21.66
N TRP A 139 -15.47 21.07 22.07
CA TRP A 139 -14.62 21.44 23.18
C TRP A 139 -15.32 21.11 24.50
N PRO A 140 -14.64 20.41 25.40
CA PRO A 140 -15.32 19.87 26.60
C PRO A 140 -15.61 20.86 27.71
N ALA A 141 -15.06 22.06 27.66
CA ALA A 141 -15.23 23.03 28.74
C ALA A 141 -15.52 24.39 28.13
N ARG A 142 -16.21 25.24 28.88
CA ARG A 142 -16.52 26.55 28.35
C ARG A 142 -15.34 27.51 28.38
N ASP A 143 -14.16 27.07 28.86
CA ASP A 143 -12.95 27.89 28.85
C ASP A 143 -11.83 27.27 27.99
N THR A 144 -12.14 26.30 27.12
CA THR A 144 -11.11 25.69 26.29
C THR A 144 -10.43 26.73 25.40
N LEU A 145 -11.24 27.53 24.70
CA LEU A 145 -10.69 28.57 23.83
C LEU A 145 -9.86 29.57 24.64
N ALA A 146 -10.41 30.07 25.75
CA ALA A 146 -9.67 31.02 26.60
C ALA A 146 -8.34 30.46 27.06
N ASN A 147 -8.28 29.15 27.35
CA ASN A 147 -7.05 28.52 27.83
C ASN A 147 -5.98 28.49 26.74
N ALA A 148 -6.38 28.07 25.52
CA ALA A 148 -5.47 28.20 24.37
C ALA A 148 -4.96 29.65 24.23
N VAL A 149 -5.88 30.61 24.34
CA VAL A 149 -5.48 32.01 24.11
C VAL A 149 -4.51 32.49 25.19
N LYS A 150 -4.72 32.12 26.46
CA LYS A 150 -3.76 32.54 27.48
C LYS A 150 -2.39 32.10 27.06
N TRP A 151 -2.27 30.87 26.53
CA TRP A 151 -0.94 30.42 26.16
C TRP A 151 -0.38 31.19 24.96
N LEU A 152 -1.21 31.86 24.18
CA LEU A 152 -0.63 32.63 23.07
C LEU A 152 -0.07 34.03 23.45
N ALA A 153 -0.08 34.42 24.74
CA ALA A 153 0.30 35.79 25.13
C ALA A 153 1.76 36.12 24.85
N ASP A 154 2.68 35.23 25.21
CA ASP A 154 4.10 35.48 25.01
C ASP A 154 4.42 35.78 23.54
N PRO A 155 5.24 36.80 23.26
CA PRO A 155 5.55 37.13 21.86
C PRO A 155 6.33 36.04 21.11
N THR A 156 7.05 35.16 21.83
CA THR A 156 7.77 34.06 21.18
C THR A 156 6.86 32.90 20.80
N VAL A 157 5.67 32.78 21.38
CA VAL A 157 4.76 31.68 21.09
C VAL A 157 3.91 32.06 19.89
N GLY A 158 4.03 31.30 18.78
CA GLY A 158 3.32 31.57 17.54
C GLY A 158 2.09 30.69 17.31
N ALA A 159 2.02 29.57 18.03
CA ALA A 159 0.95 28.61 17.76
C ALA A 159 0.74 27.71 18.96
N VAL A 160 -0.53 27.37 19.23
CA VAL A 160 -0.83 26.38 20.28
C VAL A 160 -1.93 25.41 19.81
N SER A 161 -1.83 24.16 20.23
CA SER A 161 -2.88 23.17 20.00
C SER A 161 -3.13 22.43 21.29
N CYS A 162 -4.09 21.52 21.26
CA CYS A 162 -4.55 20.81 22.45
C CYS A 162 -3.84 19.46 22.59
N VAL A 163 -3.84 18.94 23.81
CA VAL A 163 -3.63 17.52 24.04
C VAL A 163 -4.99 16.81 24.03
N LYS A 164 -4.99 15.58 23.51
CA LYS A 164 -6.21 14.78 23.32
C LYS A 164 -6.30 13.75 24.44
N ARG A 165 -7.52 13.53 24.95
CA ARG A 165 -7.59 12.51 26.01
C ARG A 165 -8.82 11.65 25.75
N PRO A 166 -9.18 10.68 26.65
CA PRO A 166 -10.43 9.90 26.50
C PRO A 166 -11.71 10.60 25.97
N ARG A 177 -1.60 4.12 26.60
CA ARG A 177 -0.61 4.72 25.71
C ARG A 177 -0.91 6.21 25.50
N ASP A 178 -0.51 6.99 26.50
CA ASP A 178 -0.37 8.44 26.41
C ASP A 178 1.10 8.83 26.37
N PHE A 179 1.95 7.85 26.04
CA PHE A 179 3.26 8.00 25.41
C PHE A 179 3.23 9.12 24.37
N TYR A 180 2.14 9.16 23.61
CA TYR A 180 1.94 10.21 22.62
C TYR A 180 1.90 11.59 23.30
N ASN A 181 1.03 11.74 24.30
CA ASN A 181 0.90 13.05 24.95
C ASN A 181 2.19 13.47 25.63
N VAL A 182 2.97 12.52 26.14
CA VAL A 182 4.30 12.83 26.68
C VAL A 182 5.18 13.43 25.60
N LEU A 183 5.21 12.79 24.42
CA LEU A 183 6.01 13.36 23.35
C LEU A 183 5.56 14.77 23.02
N ARG A 184 4.24 14.98 22.99
CA ARG A 184 3.69 16.27 22.61
C ARG A 184 4.13 17.38 23.57
N VAL A 185 3.91 17.18 24.87
CA VAL A 185 4.21 18.31 25.74
C VAL A 185 5.69 18.41 26.06
N ALA A 186 6.43 17.30 25.99
CA ALA A 186 7.89 17.38 26.12
C ALA A 186 8.52 18.13 24.95
N GLU A 187 8.11 17.81 23.72
CA GLU A 187 8.65 18.54 22.57
C GLU A 187 8.21 19.99 22.64
N SER A 188 6.98 20.23 23.11
CA SER A 188 6.47 21.58 23.31
C SER A 188 7.37 22.37 24.25
N LYS A 189 7.79 21.75 25.36
CA LYS A 189 8.62 22.44 26.34
C LYS A 189 10.04 22.64 25.81
N ALA A 190 10.57 21.66 25.09
CA ALA A 190 11.90 21.83 24.48
C ALA A 190 11.92 22.99 23.50
N TRP A 191 10.97 23.01 22.58
CA TRP A 191 10.86 24.10 21.62
C TRP A 191 9.51 24.08 20.94
N ALA A 192 9.23 23.02 20.20
CA ALA A 192 7.96 22.95 19.51
C ALA A 192 7.66 21.49 19.27
N THR A 193 6.39 21.19 19.07
CA THR A 193 6.03 19.86 18.67
C THR A 193 5.59 19.91 17.21
N PRO A 194 6.06 19.00 16.34
CA PRO A 194 5.73 19.09 14.91
C PRO A 194 4.38 18.53 14.54
N ILE A 195 3.56 18.16 15.52
CA ILE A 195 2.25 17.60 15.27
C ILE A 195 1.24 18.44 16.04
N PHE A 196 0.23 18.95 15.33
CA PHE A 196 -0.90 19.68 15.91
C PHE A 196 -2.17 18.89 15.69
N HIS A 197 -3.23 19.27 16.41
CA HIS A 197 -4.52 18.59 16.30
C HIS A 197 -5.61 19.53 15.78
N GLY A 198 -6.42 19.02 14.85
CA GLY A 198 -7.42 19.85 14.23
C GLY A 198 -8.60 20.15 15.12
N GLU A 199 -8.72 19.41 16.22
CA GLU A 199 -9.68 19.76 17.27
C GLU A 199 -9.49 21.21 17.70
N LEU A 200 -8.23 21.67 17.79
CA LEU A 200 -7.93 23.07 18.11
C LEU A 200 -6.53 23.42 17.64
N ALA A 201 -6.44 24.23 16.59
CA ALA A 201 -5.15 24.73 16.10
C ALA A 201 -5.23 26.26 16.10
N ALA A 202 -4.44 26.93 16.95
CA ALA A 202 -4.50 28.39 17.10
C ALA A 202 -3.19 29.03 16.67
N PHE A 203 -3.30 29.96 15.73
CA PHE A 203 -2.15 30.59 15.13
C PHE A 203 -2.27 32.09 15.31
N LYS A 204 -1.13 32.73 15.49
CA LYS A 204 -1.11 34.19 15.35
C LYS A 204 -1.25 34.55 13.87
N ARG A 205 -2.28 35.32 13.52
CA ARG A 205 -2.57 35.63 12.12
C ARG A 205 -1.40 36.32 11.41
N GLU A 206 -0.62 37.14 12.13
CA GLU A 206 0.55 37.77 11.50
C GLU A 206 1.48 36.72 10.85
N LEU A 207 1.62 35.55 11.50
CA LEU A 207 2.49 34.49 10.98
C LEU A 207 1.85 33.73 9.83
N LEU A 208 0.55 33.46 9.91
CA LEU A 208 -0.15 32.91 8.76
C LEU A 208 -0.01 33.82 7.55
N GLU A 209 -0.04 35.15 7.76
CA GLU A 209 0.12 36.09 6.65
C GLU A 209 1.54 36.05 6.10
N ARG A 210 2.51 35.87 6.99
CA ARG A 210 3.89 35.73 6.55
C ARG A 210 4.17 34.41 5.83
N LEU A 211 3.25 33.44 5.82
CA LEU A 211 3.60 32.06 5.43
C LEU A 211 3.37 31.64 3.97
N GLY A 212 2.43 32.20 3.21
CA GLY A 212 1.32 33.01 3.66
C GLY A 212 0.08 32.19 3.35
N GLY A 213 -0.67 31.86 4.39
CA GLY A 213 -1.79 30.96 4.26
C GLY A 213 -1.44 29.52 4.59
N PHE A 214 -2.35 28.65 4.23
CA PHE A 214 -1.99 27.25 4.35
C PHE A 214 -1.64 26.68 2.99
N PRO A 215 -0.67 25.78 2.91
CA PRO A 215 -0.30 25.19 1.61
C PRO A 215 -1.25 24.06 1.23
N THR A 216 -1.54 23.96 -0.06
CA THR A 216 -2.52 23.00 -0.57
C THR A 216 -1.92 21.62 -0.92
N ASP A 217 -0.63 21.42 -0.72
CA ASP A 217 0.04 20.20 -1.17
C ASP A 217 0.35 19.23 -0.03
N VAL A 218 0.20 19.64 1.22
CA VAL A 218 0.42 18.77 2.36
C VAL A 218 -0.94 18.47 3.01
N GLY A 219 -1.06 17.26 3.54
CA GLY A 219 -2.31 16.84 4.12
C GLY A 219 -2.58 17.35 5.51
N ALA A 220 -1.52 17.36 6.32
CA ALA A 220 -1.59 17.77 7.72
C ALA A 220 -1.32 19.28 7.83
N ASP A 221 -2.29 20.06 7.30
CA ASP A 221 -2.33 21.52 7.35
C ASP A 221 -1.83 22.09 8.68
N ASP A 222 -2.47 21.68 9.77
CA ASP A 222 -2.14 22.16 11.10
C ASP A 222 -0.67 21.89 11.43
N SER A 223 -0.24 20.64 11.29
CA SER A 223 1.13 20.28 11.65
C SER A 223 2.11 20.95 10.74
N HIS A 224 1.77 21.11 9.47
CA HIS A 224 2.72 21.74 8.58
C HIS A 224 2.90 23.21 8.96
N THR A 225 1.78 23.93 9.16
CA THR A 225 1.90 25.31 9.62
C THR A 225 2.62 25.42 10.95
N ALA A 226 2.33 24.53 11.89
CA ALA A 226 2.96 24.59 13.20
C ALA A 226 4.45 24.43 13.07
N THR A 227 4.87 23.56 12.17
CA THR A 227 6.28 23.24 11.97
C THR A 227 7.00 24.36 11.25
N LYS A 228 6.30 25.01 10.32
CA LYS A 228 6.87 26.15 9.62
C LYS A 228 7.05 27.31 10.58
N ILE A 229 6.11 27.49 11.51
CA ILE A 229 6.24 28.49 12.57
C ILE A 229 7.37 28.13 13.53
N ALA A 230 7.54 26.85 13.87
CA ALA A 230 8.70 26.49 14.69
C ALA A 230 10.02 26.81 13.96
N MET A 231 10.09 26.51 12.65
CA MET A 231 11.32 26.76 11.91
C MET A 231 11.65 28.25 11.85
N MET A 232 10.62 29.09 11.83
CA MET A 232 10.79 30.54 11.78
C MET A 232 11.35 31.13 13.07
N GLY A 233 11.62 30.31 14.09
CA GLY A 233 12.05 30.80 15.38
C GLY A 233 10.95 31.22 16.34
N TYR A 234 9.71 30.78 16.12
CA TYR A 234 8.62 30.93 17.07
C TYR A 234 8.33 29.60 17.75
N ARG A 235 7.49 29.65 18.79
CA ARG A 235 7.17 28.45 19.54
C ARG A 235 5.78 27.90 19.20
N ALA A 236 5.67 26.58 19.09
CA ALA A 236 4.42 25.89 18.70
C ALA A 236 4.17 24.77 19.69
N ILE A 237 3.17 24.93 20.55
CA ILE A 237 3.10 24.13 21.78
C ILE A 237 1.70 23.55 21.98
N THR A 238 1.67 22.45 22.72
CA THR A 238 0.41 21.85 23.16
C THR A 238 0.49 21.75 24.67
N PRO A 239 0.05 22.78 25.39
CA PRO A 239 0.15 22.71 26.85
C PRO A 239 -0.86 21.73 27.43
N PRO A 240 -0.50 21.05 28.54
CA PRO A 240 -1.37 19.99 29.11
C PRO A 240 -2.76 20.40 29.53
N ASP A 241 -3.02 21.68 29.73
CA ASP A 241 -4.32 22.14 30.19
C ASP A 241 -5.20 22.66 29.06
N VAL A 242 -4.72 22.63 27.83
CA VAL A 242 -5.53 22.95 26.66
C VAL A 242 -5.97 21.58 26.10
N VAL A 243 -7.20 21.10 26.39
CA VAL A 243 -7.57 19.69 26.16
C VAL A 243 -8.78 19.57 25.27
N CYS A 244 -8.69 18.71 24.27
CA CYS A 244 -9.85 18.34 23.49
C CYS A 244 -9.95 16.82 23.55
N VAL A 245 -11.15 16.39 23.22
CA VAL A 245 -11.46 14.99 23.13
C VAL A 245 -11.37 14.64 21.66
N GLU A 246 -10.69 13.54 21.37
CA GLU A 246 -10.51 13.10 19.99
C GLU A 246 -11.85 12.74 19.38
N ALA A 247 -12.01 13.10 18.11
CA ALA A 247 -13.19 12.71 17.34
C ALA A 247 -12.83 11.42 16.59
N VAL A 248 -13.59 10.38 16.89
CA VAL A 248 -13.46 9.09 16.27
C VAL A 248 -14.67 8.99 15.38
N PRO A 249 -14.44 8.73 14.11
CA PRO A 249 -15.34 8.64 12.96
C PRO A 249 -16.40 7.56 12.98
N LYS A 250 -16.11 6.35 13.51
CA LYS A 250 -16.97 5.13 13.64
C LYS A 250 -16.69 4.10 12.56
N ARG A 251 -17.34 4.28 11.41
CA ARG A 251 -17.14 3.40 10.29
C ARG A 251 -15.85 3.79 9.62
N GLY A 252 -15.21 2.85 8.97
CA GLY A 252 -13.96 3.13 8.28
C GLY A 252 -12.87 3.65 9.17
N TYR A 253 -12.76 3.08 10.36
CA TYR A 253 -11.78 3.52 11.27
C TYR A 253 -10.38 3.33 10.72
N HIS A 254 -10.09 2.17 10.17
CA HIS A 254 -8.75 1.93 9.67
C HIS A 254 -8.45 2.84 8.48
N ALA A 255 -9.42 3.06 7.59
CA ALA A 255 -9.19 3.98 6.48
C ALA A 255 -8.91 5.39 6.95
N TRP A 256 -9.66 5.85 7.95
CA TRP A 256 -9.47 7.19 8.51
C TRP A 256 -8.08 7.32 9.12
N ARG A 257 -7.70 6.33 9.94
CA ARG A 257 -6.37 6.32 10.53
C ARG A 257 -5.27 6.26 9.47
N ILE A 258 -5.53 5.58 8.35
CA ILE A 258 -4.51 5.49 7.32
C ILE A 258 -4.39 6.82 6.55
N ARG A 259 -5.66 7.71 6.05
CA ARG A 259 -5.80 9.10 5.63
C ARG A 259 -4.95 10.02 6.49
N ARG A 260 -4.79 9.64 7.99
CA ARG A 260 -4.05 10.57 8.83
C ARG A 260 -2.58 10.23 8.87
N ALA A 261 -2.26 8.93 8.92
CA ALA A 261 -0.88 8.51 8.73
C ALA A 261 -0.32 9.07 7.44
N GLN A 262 -1.08 9.01 6.35
CA GLN A 262 -0.57 9.50 5.08
C GLN A 262 -0.28 11.00 5.15
N HIS A 263 -1.13 11.75 5.86
CA HIS A 263 -0.90 13.19 6.05
C HIS A 263 0.37 13.45 6.87
N LEU A 264 0.58 12.69 7.95
CA LEU A 264 1.82 12.84 8.71
C LEU A 264 3.04 12.45 7.88
N VAL A 265 2.91 11.41 7.03
CA VAL A 265 4.04 10.97 6.22
C VAL A 265 4.39 12.04 5.19
N GLN A 266 3.38 12.61 4.52
CA GLN A 266 3.63 13.73 3.60
C GLN A 266 4.27 14.91 4.32
N HIS A 267 3.72 15.25 5.49
CA HIS A 267 4.21 16.38 6.26
C HIS A 267 5.68 16.23 6.59
N PHE A 268 6.06 15.12 7.25
CA PHE A 268 7.45 14.98 7.67
C PHE A 268 8.39 14.84 6.47
N ALA A 269 7.94 14.17 5.40
CA ALA A 269 8.76 14.01 4.20
C ALA A 269 9.13 15.37 3.63
N LYS A 270 8.16 16.29 3.53
CA LYS A 270 8.49 17.62 3.03
C LYS A 270 9.26 18.46 4.04
N ALA A 271 8.98 18.29 5.34
CA ALA A 271 9.58 19.15 6.38
C ALA A 271 11.08 18.92 6.50
N ILE A 272 11.55 17.67 6.48
CA ILE A 272 13.00 17.49 6.64
C ILE A 272 13.81 17.84 5.41
N ARG A 273 13.17 18.07 4.26
CA ARG A 273 13.85 18.54 3.06
C ARG A 273 13.85 20.04 2.96
N ASP A 274 13.64 20.71 4.07
CA ASP A 274 13.70 22.16 4.04
C ASP A 274 14.38 22.86 5.20
N GLY A 275 15.38 23.68 4.92
CA GLY A 275 15.98 24.51 5.93
C GLY A 275 16.71 23.89 7.08
N LYS A 276 17.05 24.73 8.05
CA LYS A 276 17.68 24.25 9.25
C LYS A 276 16.86 24.71 10.40
N ALA A 277 16.54 23.78 11.26
CA ALA A 277 15.76 24.06 12.42
C ALA A 277 16.60 24.75 13.45
N PRO A 278 15.97 25.52 14.34
CA PRO A 278 16.70 26.13 15.43
C PRO A 278 17.29 24.99 16.25
N PRO A 279 18.52 25.17 16.67
CA PRO A 279 19.18 24.04 17.32
C PRO A 279 18.27 23.28 18.27
N PRO A 280 17.43 23.92 19.09
CA PRO A 280 16.62 23.09 20.00
C PRO A 280 15.53 22.32 19.30
N PHE A 281 15.24 22.66 18.04
CA PHE A 281 14.16 22.02 17.30
C PHE A 281 14.66 20.91 16.38
N LYS A 282 15.90 20.96 15.93
CA LYS A 282 16.34 19.97 14.95
C LYS A 282 16.32 18.54 15.50
N PRO A 283 16.76 18.26 16.73
CA PRO A 283 16.53 16.91 17.28
C PRO A 283 15.07 16.51 17.28
N ILE A 284 14.16 17.43 17.63
CA ILE A 284 12.73 17.10 17.67
C ILE A 284 12.25 16.71 16.29
N LEU A 285 12.50 17.58 15.31
CA LEU A 285 12.07 17.33 13.95
C LEU A 285 12.63 16.02 13.42
N HIS A 286 13.93 15.79 13.59
CA HIS A 286 14.55 14.59 13.02
C HIS A 286 14.09 13.32 13.71
N ALA A 287 13.93 13.33 15.03
CA ALA A 287 13.45 12.14 15.70
C ALA A 287 12.02 11.83 15.28
N GLU A 288 11.18 12.85 15.14
CA GLU A 288 9.81 12.49 14.83
C GLU A 288 9.68 12.12 13.36
N ALA A 289 10.51 12.70 12.50
CA ALA A 289 10.57 12.26 11.11
C ALA A 289 11.09 10.84 11.00
N TYR A 290 12.06 10.49 11.83
CA TYR A 290 12.52 9.10 11.85
C TYR A 290 11.38 8.17 12.23
N LEU A 291 10.71 8.47 13.36
CA LEU A 291 9.65 7.60 13.85
C LEU A 291 8.52 7.45 12.84
N HIS A 292 8.29 8.46 11.99
CA HIS A 292 7.18 8.37 11.06
C HIS A 292 7.60 7.83 9.68
N LEU A 293 8.85 8.02 9.26
CA LEU A 293 9.26 7.61 7.92
C LEU A 293 10.23 6.42 7.85
N ALA A 294 10.93 6.06 8.95
CA ALA A 294 11.96 5.01 8.91
C ALA A 294 11.59 3.77 9.74
N ASN A 295 11.53 3.91 11.07
CA ASN A 295 11.28 2.79 11.99
C ASN A 295 10.16 1.83 11.59
N PRO A 296 9.00 2.31 11.09
CA PRO A 296 7.93 1.37 10.70
C PRO A 296 8.42 0.31 9.75
N TRP A 297 9.31 0.63 8.79
CA TRP A 297 9.80 -0.36 7.83
C TRP A 297 10.58 -1.48 8.51
N ALA A 298 11.35 -1.16 9.56
CA ALA A 298 12.11 -2.19 10.26
C ALA A 298 11.18 -3.27 10.77
N LEU A 299 10.00 -2.89 11.26
CA LEU A 299 9.15 -3.95 11.82
C LEU A 299 8.79 -5.06 10.82
N PRO A 300 8.08 -4.79 9.71
CA PRO A 300 7.61 -5.91 8.86
C PRO A 300 8.71 -6.62 8.08
N THR A 301 9.86 -5.97 7.86
CA THR A 301 11.02 -6.65 7.30
C THR A 301 11.50 -7.76 8.24
N ALA A 302 11.61 -7.45 9.52
CA ALA A 302 11.92 -8.50 10.49
C ALA A 302 10.85 -9.59 10.48
N ALA A 303 9.57 -9.18 10.42
CA ALA A 303 8.50 -10.18 10.40
C ALA A 303 8.66 -11.15 9.22
N ALA A 304 9.00 -10.62 8.05
CA ALA A 304 9.11 -11.45 6.85
C ALA A 304 10.36 -12.32 6.88
N ALA A 305 11.47 -11.78 7.40
CA ALA A 305 12.68 -12.61 7.52
C ALA A 305 12.44 -13.78 8.46
N LEU A 306 11.74 -13.54 9.58
CA LEU A 306 11.36 -14.63 10.47
C LEU A 306 10.38 -15.60 9.78
N ALA A 307 9.47 -15.08 8.96
CA ALA A 307 8.52 -15.94 8.26
C ALA A 307 9.23 -16.88 7.28
N ALA A 308 10.22 -16.34 6.57
CA ALA A 308 11.02 -17.14 5.65
C ALA A 308 11.82 -18.18 6.41
N ALA A 309 12.53 -17.75 7.46
CA ALA A 309 13.32 -18.70 8.25
C ALA A 309 12.45 -19.79 8.87
N ALA A 310 11.20 -19.46 9.23
CA ALA A 310 10.30 -20.45 9.81
C ALA A 310 9.86 -21.46 8.76
N ALA A 311 9.32 -20.97 7.63
CA ALA A 311 8.79 -21.87 6.61
C ALA A 311 9.88 -22.81 6.09
N ALA A 312 11.12 -22.35 6.03
CA ALA A 312 12.24 -23.16 5.59
C ALA A 312 13.15 -23.38 6.79
N GLY A 313 13.00 -24.51 7.49
CA GLY A 313 13.95 -24.84 8.54
C GLY A 313 13.64 -24.49 10.00
N SER A 314 14.31 -23.46 10.50
CA SER A 314 14.41 -23.15 11.93
C SER A 314 13.07 -22.99 12.64
N LEU A 315 13.09 -23.28 13.95
CA LEU A 315 11.92 -23.24 14.83
C LEU A 315 12.15 -22.37 16.06
N PRO A 316 13.35 -21.81 16.32
CA PRO A 316 13.36 -20.63 17.19
C PRO A 316 12.70 -19.43 16.53
N ALA A 317 12.90 -19.27 15.23
CA ALA A 317 12.20 -18.25 14.45
C ALA A 317 10.68 -18.33 14.61
N ALA A 318 10.11 -19.55 14.47
CA ALA A 318 8.66 -19.68 14.56
C ALA A 318 8.17 -19.43 15.97
N ALA A 319 9.02 -19.74 16.96
CA ALA A 319 8.73 -19.38 18.35
C ALA A 319 8.65 -17.86 18.51
N LEU A 320 9.59 -17.13 17.91
CA LEU A 320 9.54 -15.66 17.96
C LEU A 320 8.24 -15.13 17.35
N LEU A 321 7.80 -15.66 16.20
CA LEU A 321 6.53 -15.17 15.63
C LEU A 321 5.32 -15.52 16.52
N ALA A 322 5.31 -16.72 17.09
CA ALA A 322 4.21 -17.12 17.97
C ALA A 322 4.12 -16.26 19.22
N THR A 323 5.25 -16.01 19.87
CA THR A 323 5.31 -14.95 20.88
C THR A 323 4.74 -13.64 20.34
N GLY A 324 5.14 -13.22 19.14
CA GLY A 324 4.60 -11.99 18.56
C GLY A 324 3.08 -11.93 18.61
N ALA A 325 2.43 -13.02 18.24
CA ALA A 325 0.95 -13.06 18.32
C ALA A 325 0.47 -12.99 19.78
N ALA A 326 1.03 -13.85 20.63
CA ALA A 326 0.62 -13.86 22.04
C ALA A 326 0.79 -12.49 22.67
N LEU A 327 1.66 -11.64 22.12
CA LEU A 327 1.80 -10.26 22.58
C LEU A 327 0.80 -9.34 21.91
N ALA A 328 0.32 -9.73 20.72
CA ALA A 328 -0.87 -9.11 20.15
C ALA A 328 -2.08 -9.22 21.06
N LEU A 329 -2.08 -10.08 22.08
CA LEU A 329 -3.21 -10.00 23.02
C LEU A 329 -3.24 -8.73 23.89
N TYR A 330 -2.10 -8.30 24.42
CA TYR A 330 -2.12 -7.14 25.33
C TYR A 330 -1.97 -5.82 24.60
N LYS A 331 -2.79 -4.82 25.00
CA LYS A 331 -3.19 -3.68 24.17
C LYS A 331 -2.10 -2.67 23.82
N PRO A 332 -1.16 -2.34 24.71
CA PRO A 332 -0.10 -1.39 24.30
C PRO A 332 0.63 -1.83 23.04
N TYR A 333 1.09 -3.08 23.04
CA TYR A 333 1.78 -3.65 21.89
C TYR A 333 0.85 -3.71 20.68
N ARG A 334 -0.44 -3.96 20.91
CA ARG A 334 -1.40 -3.98 19.80
C ARG A 334 -1.46 -2.63 19.10
N THR A 335 -1.71 -1.56 19.86
CA THR A 335 -1.87 -0.25 19.26
C THR A 335 -0.54 0.27 18.70
N TRP A 336 0.60 -0.18 19.25
CA TRP A 336 1.89 0.17 18.63
C TRP A 336 2.06 -0.48 17.26
N THR A 337 1.98 -1.83 17.20
CA THR A 337 2.20 -2.49 15.90
C THR A 337 1.14 -2.10 14.87
N THR A 338 -0.10 -1.86 15.31
CA THR A 338 -1.10 -1.39 14.36
C THR A 338 -0.80 0.03 13.88
N MET A 339 -0.26 0.90 14.74
CA MET A 339 0.18 2.20 14.25
C MET A 339 1.29 2.05 13.20
N GLN A 340 2.25 1.15 13.46
CA GLN A 340 3.31 0.92 12.48
C GLN A 340 2.72 0.40 11.17
N ALA A 341 1.69 -0.45 11.27
CA ALA A 341 0.97 -0.93 10.10
C ALA A 341 0.37 0.23 9.29
N TYR A 342 -0.35 1.12 9.98
CA TYR A 342 -0.93 2.30 9.30
C TYR A 342 0.16 3.12 8.61
N LEU A 343 1.31 3.27 9.25
CA LEU A 343 2.38 4.07 8.67
C LEU A 343 2.91 3.43 7.39
N ILE A 344 3.09 2.11 7.40
CA ILE A 344 3.59 1.45 6.20
C ILE A 344 2.55 1.51 5.07
N ALA A 345 1.29 1.17 5.38
CA ALA A 345 0.22 1.34 4.41
C ALA A 345 0.24 2.74 3.81
N ALA A 346 0.47 3.77 4.66
CA ALA A 346 0.42 5.17 4.24
C ALA A 346 1.54 5.49 3.27
N ALA A 347 2.77 5.07 3.60
CA ALA A 347 3.89 5.25 2.67
C ALA A 347 3.56 4.63 1.31
N VAL A 348 2.99 3.43 1.31
CA VAL A 348 2.62 2.79 0.04
C VAL A 348 1.62 3.66 -0.73
N LYS A 349 0.47 3.99 -0.10
CA LYS A 349 -0.59 4.76 -0.77
C LYS A 349 -0.09 6.14 -1.17
N ASN A 350 0.85 6.70 -0.39
CA ASN A 350 1.48 7.97 -0.73
C ASN A 350 2.25 7.87 -2.03
N LEU A 351 3.12 6.85 -2.12
CA LEU A 351 3.91 6.65 -3.33
C LEU A 351 3.04 6.44 -4.56
N TRP A 352 1.96 5.67 -4.44
CA TRP A 352 1.18 5.31 -5.63
C TRP A 352 0.02 6.26 -5.93
N ASP A 353 -0.24 7.21 -5.04
CA ASP A 353 -1.35 8.10 -5.27
C ASP A 353 -1.01 9.20 -6.21
N LYS A 354 0.25 9.61 -6.20
CA LYS A 354 0.59 10.72 -7.06
C LYS A 354 0.84 10.22 -8.46
N GLU A 355 -0.22 10.33 -9.27
CA GLU A 355 -0.19 9.92 -10.66
C GLU A 355 -1.40 10.50 -11.37
N MET B 1 24.68 5.60 12.90
CA MET B 1 26.02 5.11 12.62
C MET B 1 25.97 3.64 12.23
N LEU B 2 25.57 2.80 13.18
CA LEU B 2 25.28 1.41 12.87
C LEU B 2 24.08 1.29 11.93
N LEU B 3 23.32 2.37 11.72
CA LEU B 3 22.23 2.32 10.75
C LEU B 3 22.75 2.42 9.32
N GLU B 4 23.94 3.00 9.14
CA GLU B 4 24.65 2.84 7.88
C GLU B 4 25.14 1.40 7.71
N ALA B 5 25.51 0.75 8.82
CA ALA B 5 25.85 -0.66 8.76
C ALA B 5 24.63 -1.51 8.41
N ILE B 6 23.47 -1.18 8.98
CA ILE B 6 22.26 -1.95 8.72
C ILE B 6 21.81 -1.74 7.29
N ALA B 7 22.01 -0.54 6.77
CA ALA B 7 21.73 -0.27 5.37
C ALA B 7 22.64 -1.07 4.46
N ILE B 8 23.93 -1.15 4.76
CA ILE B 8 24.82 -1.89 3.87
C ILE B 8 24.53 -3.38 3.94
N ALA B 9 24.24 -3.90 5.13
CA ALA B 9 23.84 -5.29 5.28
C ALA B 9 22.58 -5.62 4.48
N LEU B 10 21.48 -4.89 4.75
CA LEU B 10 20.21 -5.14 4.07
C LEU B 10 20.32 -4.97 2.57
N THR B 11 21.05 -3.95 2.11
CA THR B 11 21.23 -3.74 0.67
C THR B 11 22.00 -4.89 0.04
N ALA B 12 23.02 -5.40 0.76
CA ALA B 12 23.77 -6.54 0.26
C ALA B 12 22.85 -7.74 0.11
N ALA B 13 22.05 -8.02 1.14
CA ALA B 13 21.11 -9.13 1.07
C ALA B 13 20.12 -8.97 -0.08
N HIS B 14 19.54 -7.78 -0.22
CA HIS B 14 18.51 -7.57 -1.24
C HIS B 14 19.04 -7.82 -2.64
N PHE B 15 20.25 -7.37 -2.93
CA PHE B 15 20.76 -7.63 -4.27
C PHE B 15 21.50 -8.96 -4.40
N GLY B 16 21.97 -9.52 -3.30
CA GLY B 16 22.73 -10.75 -3.35
C GLY B 16 21.84 -11.96 -3.50
N ALA B 17 20.67 -11.95 -2.85
CA ALA B 17 19.78 -13.11 -3.01
C ALA B 17 19.44 -13.31 -4.48
N PRO B 18 18.88 -12.33 -5.21
CA PRO B 18 18.62 -12.55 -6.63
C PRO B 18 19.85 -12.88 -7.44
N LEU B 19 20.99 -12.24 -7.19
CA LEU B 19 22.14 -12.53 -8.03
C LEU B 19 22.68 -13.95 -7.82
N LEU B 20 22.75 -14.40 -6.56
CA LEU B 20 23.19 -15.77 -6.27
C LEU B 20 22.22 -16.78 -6.86
N TYR B 21 20.92 -16.52 -6.67
CA TYR B 21 19.93 -17.39 -7.29
C TYR B 21 20.08 -17.41 -8.80
N TYR B 22 20.34 -16.25 -9.42
CA TYR B 22 20.50 -16.18 -10.87
C TYR B 22 21.70 -17.00 -11.35
N TRP B 23 22.79 -17.02 -10.58
CA TRP B 23 23.93 -17.84 -10.97
C TRP B 23 23.59 -19.32 -10.91
N ARG B 24 22.94 -19.74 -9.83
CA ARG B 24 22.56 -21.14 -9.74
C ARG B 24 21.56 -21.50 -10.85
N ALA B 25 20.75 -20.52 -11.26
CA ALA B 25 19.78 -20.71 -12.33
C ALA B 25 20.46 -20.91 -13.67
N LYS B 26 21.48 -20.11 -13.93
CA LYS B 26 22.19 -20.15 -15.18
C LYS B 26 23.00 -21.43 -15.36
N ARG B 27 23.44 -22.07 -14.26
CA ARG B 27 24.06 -23.38 -14.51
C ARG B 27 23.03 -24.53 -14.53
N TRP B 28 21.84 -24.36 -13.94
CA TRP B 28 20.74 -25.27 -14.27
C TRP B 28 20.39 -25.21 -15.75
N LEU B 29 20.62 -24.05 -16.37
CA LEU B 29 20.21 -23.78 -17.73
C LEU B 29 21.07 -24.55 -18.73
N LYS B 30 22.23 -24.92 -18.31
CA LYS B 30 23.06 -25.68 -19.20
C LYS B 30 22.78 -27.19 -19.10
N LYS B 31 22.18 -27.66 -18.02
CA LYS B 31 21.85 -29.07 -17.97
C LYS B 31 20.74 -29.45 -18.98
N PRO B 32 20.60 -30.73 -19.29
CA PRO B 32 19.62 -31.13 -20.29
C PRO B 32 18.22 -31.32 -19.75
N TRP B 33 17.26 -31.06 -20.63
CA TRP B 33 15.90 -31.49 -20.30
C TRP B 33 15.94 -33.00 -20.18
N ASP B 34 15.41 -33.53 -19.09
CA ASP B 34 15.31 -34.99 -19.05
C ASP B 34 13.91 -35.41 -19.44
N VAL B 35 13.34 -34.63 -20.37
CA VAL B 35 12.04 -34.87 -20.95
C VAL B 35 12.18 -34.54 -22.43
N ALA B 36 11.34 -35.16 -23.24
CA ALA B 36 11.46 -35.05 -24.69
C ALA B 36 10.13 -34.65 -25.31
N PRO B 37 10.07 -33.55 -26.04
CA PRO B 37 8.85 -33.25 -26.78
C PRO B 37 8.72 -34.22 -27.94
N ASP B 38 7.50 -34.68 -28.18
CA ASP B 38 7.23 -35.61 -29.27
C ASP B 38 6.35 -34.91 -30.29
N PRO B 39 6.87 -34.62 -31.50
CA PRO B 39 6.06 -33.86 -32.47
C PRO B 39 4.98 -34.70 -33.14
N THR B 40 4.93 -36.02 -32.92
CA THR B 40 3.84 -36.85 -33.44
C THR B 40 2.73 -37.06 -32.41
N TYR B 41 2.95 -36.61 -31.18
CA TYR B 41 1.93 -36.69 -30.15
C TYR B 41 0.77 -35.76 -30.52
N ARG B 42 -0.42 -36.33 -30.69
CA ARG B 42 -1.61 -35.58 -31.12
C ARG B 42 -2.84 -35.99 -30.31
N PRO B 43 -2.88 -35.64 -29.03
CA PRO B 43 -4.08 -35.91 -28.21
C PRO B 43 -5.24 -34.97 -28.57
N ARG B 44 -6.42 -35.31 -28.06
CA ARG B 44 -7.53 -34.37 -28.10
C ARG B 44 -7.28 -33.22 -27.11
N VAL B 45 -7.52 -32.00 -27.58
CA VAL B 45 -7.20 -30.76 -26.84
C VAL B 45 -8.47 -29.94 -26.70
N THR B 46 -8.75 -29.51 -25.46
CA THR B 46 -9.83 -28.54 -25.19
C THR B 46 -9.21 -27.21 -24.83
N VAL B 47 -9.47 -26.19 -25.62
CA VAL B 47 -9.02 -24.83 -25.30
C VAL B 47 -10.17 -24.13 -24.60
N ILE B 48 -9.92 -23.61 -23.41
CA ILE B 48 -10.92 -22.99 -22.56
C ILE B 48 -10.64 -21.49 -22.49
N VAL B 49 -11.59 -20.68 -22.92
CA VAL B 49 -11.47 -19.22 -22.87
C VAL B 49 -12.50 -18.69 -21.89
N PRO B 50 -12.08 -18.23 -20.71
CA PRO B 50 -13.02 -17.61 -19.77
C PRO B 50 -13.24 -16.15 -20.13
N THR B 51 -14.51 -15.72 -20.16
CA THR B 51 -14.86 -14.36 -20.55
C THR B 51 -15.84 -13.72 -19.56
N TYR B 52 -15.51 -12.47 -19.20
CA TYR B 52 -16.47 -11.50 -18.67
C TYR B 52 -16.27 -10.20 -19.44
N ASN B 53 -17.28 -9.80 -20.21
CA ASN B 53 -17.29 -8.54 -20.96
C ASN B 53 -16.03 -8.39 -21.82
N GLU B 54 -15.95 -9.19 -22.89
CA GLU B 54 -14.85 -9.05 -23.85
C GLU B 54 -15.37 -9.15 -25.28
N ALA B 55 -16.45 -8.41 -25.59
CA ALA B 55 -17.03 -8.48 -26.93
C ALA B 55 -16.09 -7.96 -28.02
N PRO B 56 -15.38 -6.84 -27.86
CA PRO B 56 -14.40 -6.47 -28.89
C PRO B 56 -13.35 -7.55 -29.15
N LEU B 57 -12.78 -8.15 -28.11
CA LEU B 57 -11.68 -9.10 -28.25
C LEU B 57 -12.08 -10.49 -28.73
N ILE B 58 -13.23 -11.01 -28.28
CA ILE B 58 -13.45 -12.45 -28.27
C ILE B 58 -13.45 -13.05 -29.68
N GLU B 59 -14.02 -12.38 -30.67
CA GLU B 59 -13.98 -13.04 -31.99
C GLU B 59 -12.61 -12.95 -32.65
N GLU B 60 -11.82 -11.90 -32.42
CA GLU B 60 -10.43 -11.96 -32.84
C GLU B 60 -9.69 -13.11 -32.15
N LYS B 61 -10.05 -13.37 -30.88
CA LYS B 61 -9.45 -14.45 -30.13
C LYS B 61 -9.80 -15.81 -30.76
N LEU B 62 -11.06 -15.98 -31.09
CA LEU B 62 -11.47 -17.23 -31.69
C LEU B 62 -10.85 -17.39 -33.07
N ASP B 63 -10.60 -16.29 -33.78
CA ASP B 63 -9.78 -16.36 -35.00
C ASP B 63 -8.40 -16.91 -34.69
N ASN B 64 -7.72 -16.32 -33.69
CA ASN B 64 -6.37 -16.76 -33.31
C ASN B 64 -6.33 -18.26 -33.04
N ILE B 65 -7.35 -18.81 -32.40
CA ILE B 65 -7.35 -20.25 -32.15
C ILE B 65 -7.60 -21.00 -33.45
N TYR B 66 -8.57 -20.52 -34.23
CA TYR B 66 -8.91 -21.12 -35.51
C TYR B 66 -7.70 -21.22 -36.40
N GLU B 67 -6.91 -20.16 -36.48
CA GLU B 67 -5.74 -20.22 -37.34
C GLU B 67 -4.63 -21.15 -36.82
N GLN B 68 -4.77 -21.85 -35.70
CA GLN B 68 -3.71 -22.78 -35.30
C GLN B 68 -3.72 -24.00 -36.19
N ASP B 69 -2.52 -24.51 -36.52
CA ASP B 69 -2.33 -25.67 -37.40
C ASP B 69 -2.58 -27.01 -36.73
N TYR B 70 -3.02 -27.00 -35.49
CA TYR B 70 -3.31 -28.23 -34.80
C TYR B 70 -4.49 -28.92 -35.46
N PRO B 71 -4.43 -30.26 -35.65
CA PRO B 71 -5.53 -31.01 -36.29
C PRO B 71 -6.90 -30.71 -35.72
N ARG B 72 -7.81 -30.22 -36.57
CA ARG B 72 -9.07 -29.66 -36.08
C ARG B 72 -10.04 -30.68 -35.52
N ASP B 73 -9.89 -31.96 -35.86
CA ASP B 73 -10.72 -32.98 -35.23
C ASP B 73 -10.21 -33.37 -33.85
N LYS B 74 -9.00 -32.94 -33.50
CA LYS B 74 -8.44 -33.16 -32.19
C LYS B 74 -8.58 -31.93 -31.29
N LEU B 75 -9.36 -30.93 -31.73
CA LEU B 75 -9.45 -29.65 -31.06
C LEU B 75 -10.89 -29.31 -30.79
N GLU B 76 -11.13 -28.72 -29.62
CA GLU B 76 -12.46 -28.23 -29.28
C GLU B 76 -12.27 -27.04 -28.36
N VAL B 77 -13.17 -26.07 -28.47
CA VAL B 77 -13.09 -24.86 -27.70
C VAL B 77 -14.32 -24.74 -26.80
N VAL B 78 -14.10 -24.32 -25.57
CA VAL B 78 -15.17 -24.01 -24.63
C VAL B 78 -14.98 -22.57 -24.20
N VAL B 79 -15.98 -21.74 -24.46
CA VAL B 79 -15.99 -20.36 -23.98
C VAL B 79 -16.94 -20.29 -22.81
N VAL B 80 -16.48 -19.84 -21.64
CA VAL B 80 -17.34 -19.77 -20.47
C VAL B 80 -17.52 -18.30 -20.13
N ASP B 81 -18.75 -17.81 -20.34
CA ASP B 81 -19.16 -16.44 -20.07
C ASP B 81 -19.88 -16.31 -18.74
N SER B 82 -19.39 -15.41 -17.89
CA SER B 82 -20.02 -15.19 -16.57
C SER B 82 -20.96 -13.98 -16.60
N ALA B 83 -22.18 -14.19 -17.12
CA ALA B 83 -23.23 -13.16 -17.08
C ALA B 83 -22.72 -11.78 -17.48
N SER B 84 -22.29 -11.67 -18.74
CA SER B 84 -21.72 -10.41 -19.24
C SER B 84 -22.80 -9.43 -19.70
N THR B 85 -22.46 -8.13 -19.61
CA THR B 85 -23.37 -7.05 -20.00
C THR B 85 -23.33 -6.79 -21.49
N ASP B 86 -22.13 -6.71 -22.07
CA ASP B 86 -22.03 -6.47 -23.50
C ASP B 86 -22.54 -7.71 -24.23
N GLY B 87 -22.40 -7.71 -25.54
CA GLY B 87 -22.88 -8.85 -26.30
C GLY B 87 -21.90 -10.00 -26.45
N THR B 88 -21.22 -10.41 -25.36
CA THR B 88 -20.17 -11.42 -25.52
C THR B 88 -20.71 -12.79 -25.87
N PRO B 89 -21.77 -13.30 -25.21
CA PRO B 89 -22.32 -14.60 -25.68
C PRO B 89 -22.82 -14.56 -27.11
N SER B 90 -23.43 -13.47 -27.55
CA SER B 90 -23.99 -13.47 -28.91
C SER B 90 -22.91 -13.21 -29.95
N ALA B 91 -21.82 -12.51 -29.58
CA ALA B 91 -20.67 -12.47 -30.46
C ALA B 91 -20.03 -13.85 -30.62
N VAL B 92 -20.00 -14.64 -29.54
CA VAL B 92 -19.51 -16.01 -29.64
C VAL B 92 -20.41 -16.82 -30.57
N ARG B 93 -21.73 -16.68 -30.41
CA ARG B 93 -22.63 -17.42 -31.29
C ARG B 93 -22.57 -16.96 -32.74
N ARG B 94 -22.29 -15.67 -32.99
CA ARG B 94 -22.02 -15.23 -34.36
C ARG B 94 -20.79 -15.93 -34.93
N TRP B 95 -19.68 -15.83 -34.20
CA TRP B 95 -18.45 -16.41 -34.70
C TRP B 95 -18.60 -17.91 -34.94
N ALA B 96 -19.32 -18.61 -34.03
CA ALA B 96 -19.53 -20.05 -34.20
C ALA B 96 -20.42 -20.36 -35.40
N GLU B 97 -21.41 -19.51 -35.68
CA GLU B 97 -22.23 -19.69 -36.87
C GLU B 97 -21.38 -19.65 -38.13
N THR B 98 -20.36 -18.78 -38.16
CA THR B 98 -19.53 -18.71 -39.37
C THR B 98 -18.48 -19.83 -39.47
N HIS B 99 -18.12 -20.46 -38.35
CA HIS B 99 -17.06 -21.47 -38.33
C HIS B 99 -17.59 -22.76 -37.71
N PRO B 100 -18.41 -23.51 -38.44
CA PRO B 100 -19.00 -24.72 -37.83
C PRO B 100 -18.02 -25.86 -37.64
N ASP B 101 -16.90 -25.89 -38.38
CA ASP B 101 -15.99 -27.02 -38.33
C ASP B 101 -15.07 -27.00 -37.12
N LEU B 102 -15.05 -25.92 -36.36
CA LEU B 102 -14.35 -25.86 -35.08
C LEU B 102 -15.35 -26.18 -33.98
N ALA B 103 -15.20 -27.34 -33.35
CA ALA B 103 -16.08 -27.74 -32.24
C ALA B 103 -16.06 -26.71 -31.13
N LEU B 104 -17.20 -26.05 -30.90
CA LEU B 104 -17.24 -25.02 -29.89
C LEU B 104 -18.49 -25.15 -29.05
N THR B 105 -18.32 -24.94 -27.75
CA THR B 105 -19.43 -24.90 -26.79
C THR B 105 -19.31 -23.59 -26.02
N LEU B 106 -20.37 -22.79 -26.05
CA LEU B 106 -20.46 -21.64 -25.18
C LEU B 106 -21.25 -22.02 -23.93
N VAL B 107 -20.71 -21.69 -22.77
CA VAL B 107 -21.26 -22.07 -21.48
C VAL B 107 -21.46 -20.79 -20.68
N GLU B 108 -22.71 -20.48 -20.35
CA GLU B 108 -23.05 -19.25 -19.68
C GLU B 108 -23.36 -19.56 -18.22
N GLU B 109 -22.84 -18.71 -17.32
CA GLU B 109 -23.19 -18.77 -15.92
C GLU B 109 -24.24 -17.69 -15.63
N THR B 110 -25.20 -18.00 -14.77
CA THR B 110 -26.14 -16.97 -14.27
C THR B 110 -25.43 -15.76 -13.67
N GLU B 111 -24.33 -15.97 -12.98
CA GLU B 111 -23.70 -14.87 -12.28
C GLU B 111 -22.19 -15.06 -12.22
N ARG B 112 -21.51 -13.92 -12.07
CA ARG B 112 -20.05 -13.79 -12.13
C ARG B 112 -19.41 -14.11 -10.78
N ARG B 113 -18.76 -15.28 -10.68
CA ARG B 113 -18.13 -15.72 -9.43
C ARG B 113 -16.60 -15.76 -9.52
N GLY B 114 -15.98 -14.97 -10.39
CA GLY B 114 -14.55 -15.06 -10.53
C GLY B 114 -14.13 -16.07 -11.59
N LYS B 115 -12.86 -15.98 -11.98
CA LYS B 115 -12.35 -16.74 -13.13
C LYS B 115 -12.28 -18.24 -12.83
N ALA B 116 -11.72 -18.60 -11.67
CA ALA B 116 -11.60 -20.01 -11.33
C ALA B 116 -12.94 -20.74 -11.36
N HIS B 117 -14.00 -20.11 -10.84
CA HIS B 117 -15.31 -20.76 -10.79
C HIS B 117 -15.79 -21.04 -12.21
N ALA B 118 -15.53 -20.09 -13.10
CA ALA B 118 -15.88 -20.25 -14.50
C ALA B 118 -15.09 -21.39 -15.13
N LEU B 119 -13.79 -21.46 -14.81
CA LEU B 119 -12.93 -22.54 -15.30
C LEU B 119 -13.45 -23.90 -14.84
N ASN B 120 -13.99 -23.99 -13.62
CA ASN B 120 -14.47 -25.29 -13.15
C ASN B 120 -15.74 -25.72 -13.87
N THR B 121 -16.64 -24.77 -14.18
CA THR B 121 -17.77 -25.13 -15.05
C THR B 121 -17.28 -25.58 -16.43
N ALA B 122 -16.41 -24.77 -17.04
CA ALA B 122 -15.90 -25.10 -18.35
C ALA B 122 -15.24 -26.49 -18.33
N LEU B 123 -14.55 -26.83 -17.23
CA LEU B 123 -13.87 -28.10 -17.07
C LEU B 123 -14.82 -29.26 -17.08
N ARG B 124 -15.98 -29.10 -16.46
CA ARG B 124 -16.89 -30.24 -16.55
C ARG B 124 -17.52 -30.33 -17.93
N HIS B 125 -17.25 -29.38 -18.85
CA HIS B 125 -17.55 -29.66 -20.26
C HIS B 125 -16.37 -30.15 -21.11
N ALA B 126 -15.13 -30.16 -20.59
CA ALA B 126 -13.95 -30.49 -21.41
C ALA B 126 -13.79 -32.00 -21.61
N THR B 127 -13.44 -32.41 -22.84
CA THR B 127 -13.26 -33.82 -23.21
C THR B 127 -11.86 -34.22 -23.68
N GLY B 128 -10.89 -33.31 -23.75
CA GLY B 128 -9.58 -33.64 -24.30
C GLY B 128 -8.62 -34.23 -23.27
N GLU B 129 -7.50 -34.87 -23.73
CA GLU B 129 -6.51 -35.26 -22.72
C GLU B 129 -5.77 -34.03 -22.20
N ILE B 130 -5.71 -32.97 -23.00
CA ILE B 130 -5.01 -31.75 -22.63
C ILE B 130 -6.03 -30.62 -22.56
N VAL B 131 -5.97 -29.85 -21.49
CA VAL B 131 -6.81 -28.67 -21.33
C VAL B 131 -5.87 -27.45 -21.42
N VAL B 132 -6.13 -26.58 -22.38
CA VAL B 132 -5.36 -25.36 -22.55
C VAL B 132 -6.25 -24.20 -22.11
N ILE B 133 -5.86 -23.52 -21.02
CA ILE B 133 -6.51 -22.30 -20.57
C ILE B 133 -5.81 -21.10 -21.21
N THR B 134 -6.59 -20.20 -21.82
CA THR B 134 -5.99 -18.98 -22.36
C THR B 134 -6.94 -17.80 -22.18
N ASP B 135 -6.37 -16.65 -21.78
CA ASP B 135 -7.13 -15.42 -21.53
C ASP B 135 -7.56 -14.77 -22.85
N ALA B 136 -8.71 -14.08 -22.79
CA ALA B 136 -9.30 -13.51 -24.01
C ALA B 136 -8.38 -12.54 -24.71
N ASP B 137 -7.73 -11.65 -23.96
CA ASP B 137 -6.86 -10.65 -24.56
C ASP B 137 -5.52 -11.20 -25.08
N ALA B 138 -5.31 -12.51 -25.05
CA ALA B 138 -4.02 -13.08 -25.43
C ALA B 138 -4.08 -13.61 -26.86
N LEU B 139 -3.04 -13.30 -27.63
CA LEU B 139 -2.92 -13.77 -29.01
C LEU B 139 -1.68 -14.64 -29.16
N TRP B 140 -1.84 -15.81 -29.79
CA TRP B 140 -0.71 -16.67 -30.07
C TRP B 140 -0.04 -16.21 -31.36
N PRO B 141 1.29 -15.98 -31.33
CA PRO B 141 1.98 -15.31 -32.45
C PRO B 141 2.30 -16.17 -33.67
N ALA B 142 2.16 -17.48 -33.57
CA ALA B 142 2.45 -18.37 -34.67
C ALA B 142 1.29 -19.33 -34.76
N ARG B 143 1.01 -19.86 -35.94
CA ARG B 143 -0.11 -20.78 -35.92
C ARG B 143 0.29 -22.18 -35.44
N ASP B 144 1.52 -22.34 -34.94
CA ASP B 144 1.94 -23.60 -34.33
C ASP B 144 2.29 -23.46 -32.83
N THR B 145 1.87 -22.36 -32.18
CA THR B 145 2.12 -22.19 -30.75
C THR B 145 1.50 -23.34 -29.95
N LEU B 146 0.22 -23.63 -30.23
CA LEU B 146 -0.48 -24.70 -29.53
C LEU B 146 0.20 -26.05 -29.74
N ALA B 147 0.53 -26.38 -30.99
CA ALA B 147 1.22 -27.65 -31.27
C ALA B 147 2.54 -27.77 -30.49
N ASN B 148 3.28 -26.67 -30.32
CA ASN B 148 4.56 -26.77 -29.63
C ASN B 148 4.36 -27.06 -28.15
N ALA B 149 3.41 -26.35 -27.52
CA ALA B 149 3.08 -26.68 -26.13
C ALA B 149 2.65 -28.15 -26.01
N VAL B 150 1.75 -28.57 -26.89
CA VAL B 150 1.17 -29.91 -26.75
C VAL B 150 2.23 -30.97 -26.91
N LYS B 151 3.13 -30.79 -27.88
CA LYS B 151 4.19 -31.77 -28.05
C LYS B 151 5.03 -31.90 -26.79
N TRP B 152 5.22 -30.81 -26.05
CA TRP B 152 5.95 -30.99 -24.80
C TRP B 152 5.15 -31.76 -23.75
N LEU B 153 3.84 -31.86 -23.90
CA LEU B 153 3.09 -32.65 -22.91
C LEU B 153 3.12 -34.18 -23.17
N ALA B 154 3.88 -34.67 -24.15
CA ALA B 154 3.86 -36.10 -24.50
C ALA B 154 4.43 -36.96 -23.38
N ASP B 155 5.58 -36.58 -22.84
CA ASP B 155 6.20 -37.36 -21.78
C ASP B 155 5.26 -37.52 -20.58
N PRO B 156 5.12 -38.73 -20.03
CA PRO B 156 4.21 -38.94 -18.89
C PRO B 156 4.58 -38.18 -17.64
N THR B 157 5.83 -37.74 -17.50
CA THR B 157 6.24 -36.99 -16.32
C THR B 157 5.83 -35.52 -16.37
N VAL B 158 5.49 -35.00 -17.54
CA VAL B 158 5.11 -33.61 -17.72
C VAL B 158 3.61 -33.48 -17.50
N GLY B 159 3.23 -32.69 -16.49
CA GLY B 159 1.84 -32.49 -16.17
C GLY B 159 1.29 -31.17 -16.69
N ALA B 160 2.20 -30.25 -17.03
CA ALA B 160 1.78 -28.90 -17.37
C ALA B 160 2.87 -28.18 -18.16
N VAL B 161 2.43 -27.34 -19.10
CA VAL B 161 3.28 -26.51 -19.95
C VAL B 161 2.71 -25.09 -20.00
N SER B 162 3.57 -24.10 -19.95
CA SER B 162 3.17 -22.74 -20.23
C SER B 162 4.20 -22.15 -21.16
N CYS B 163 4.00 -20.89 -21.53
CA CYS B 163 4.80 -20.21 -22.54
C CYS B 163 5.88 -19.35 -21.91
N VAL B 164 6.90 -19.07 -22.70
CA VAL B 164 7.82 -17.96 -22.44
C VAL B 164 7.26 -16.74 -23.15
N LYS B 165 7.36 -15.58 -22.51
CA LYS B 165 6.71 -14.37 -23.01
C LYS B 165 7.73 -13.44 -23.65
N ARG B 166 7.33 -12.78 -24.75
CA ARG B 166 8.18 -11.77 -25.36
C ARG B 166 7.46 -10.42 -25.42
N PRO B 167 8.21 -9.30 -25.37
CA PRO B 167 7.69 -7.93 -25.60
C PRO B 167 6.79 -7.84 -26.85
N ARG B 178 14.97 -6.69 -18.72
CA ARG B 178 14.86 -7.70 -17.66
C ARG B 178 14.26 -9.02 -18.16
N ASP B 179 15.09 -9.85 -18.83
CA ASP B 179 14.76 -11.26 -19.06
C ASP B 179 15.60 -12.18 -18.18
N PHE B 180 16.18 -11.61 -17.11
CA PHE B 180 16.48 -12.30 -15.87
C PHE B 180 15.33 -13.25 -15.53
N TYR B 181 14.12 -12.74 -15.78
CA TYR B 181 12.87 -13.44 -15.53
C TYR B 181 12.77 -14.74 -16.36
N ASN B 182 12.84 -14.63 -17.68
CA ASN B 182 12.64 -15.83 -18.49
C ASN B 182 13.76 -16.82 -18.30
N VAL B 183 14.96 -16.32 -17.98
CA VAL B 183 16.05 -17.21 -17.59
C VAL B 183 15.63 -18.02 -16.36
N LEU B 184 15.06 -17.34 -15.34
CA LEU B 184 14.60 -18.10 -14.18
C LEU B 184 13.54 -19.12 -14.58
N ARG B 185 12.61 -18.74 -15.45
CA ARG B 185 11.53 -19.61 -15.88
C ARG B 185 12.07 -20.88 -16.55
N VAL B 186 12.94 -20.72 -17.56
CA VAL B 186 13.29 -21.94 -18.26
C VAL B 186 14.36 -22.72 -17.50
N ALA B 187 15.18 -22.05 -16.69
CA ALA B 187 16.11 -22.74 -15.80
C ALA B 187 15.38 -23.58 -14.76
N GLU B 188 14.34 -23.01 -14.14
CA GLU B 188 13.56 -23.79 -13.20
C GLU B 188 12.84 -24.94 -13.90
N SER B 189 12.33 -24.69 -15.10
CA SER B 189 11.70 -25.77 -15.83
C SER B 189 12.66 -26.93 -16.01
N LYS B 190 13.92 -26.64 -16.38
CA LYS B 190 14.89 -27.70 -16.65
C LYS B 190 15.36 -28.37 -15.39
N ALA B 191 15.52 -27.62 -14.30
CA ALA B 191 15.83 -28.25 -13.03
C ALA B 191 14.71 -29.20 -12.63
N TRP B 192 13.46 -28.71 -12.65
CA TRP B 192 12.30 -29.55 -12.38
C TRP B 192 10.99 -28.91 -12.85
N ALA B 193 10.57 -27.83 -12.21
CA ALA B 193 9.34 -27.16 -12.59
C ALA B 193 9.49 -25.69 -12.24
N THR B 194 8.72 -24.88 -12.90
CA THR B 194 8.70 -23.48 -12.50
C THR B 194 7.39 -23.18 -11.77
N PRO B 195 7.44 -22.45 -10.66
CA PRO B 195 6.22 -22.21 -9.87
C PRO B 195 5.34 -21.11 -10.42
N ILE B 196 5.70 -20.50 -11.55
CA ILE B 196 4.96 -19.38 -12.12
C ILE B 196 4.56 -19.78 -13.53
N PHE B 197 3.27 -19.72 -13.82
CA PHE B 197 2.75 -19.97 -15.16
C PHE B 197 2.14 -18.67 -15.71
N HIS B 198 1.87 -18.65 -17.01
CA HIS B 198 1.30 -17.46 -17.64
C HIS B 198 -0.06 -17.80 -18.24
N GLY B 199 -1.05 -16.93 -18.04
CA GLY B 199 -2.40 -17.22 -18.47
C GLY B 199 -2.64 -17.09 -19.95
N GLU B 200 -1.71 -16.45 -20.64
CA GLU B 200 -1.72 -16.40 -22.10
C GLU B 200 -1.81 -17.81 -22.69
N LEU B 201 -1.10 -18.79 -22.12
CA LEU B 201 -1.19 -20.20 -22.53
C LEU B 201 -0.75 -21.06 -21.35
N ALA B 202 -1.72 -21.72 -20.71
CA ALA B 202 -1.44 -22.62 -19.59
C ALA B 202 -2.07 -23.97 -19.92
N ALA B 203 -1.24 -25.01 -20.11
CA ALA B 203 -1.72 -26.30 -20.61
C ALA B 203 -1.52 -27.38 -19.57
N PHE B 204 -2.59 -28.09 -19.25
CA PHE B 204 -2.57 -29.11 -18.21
C PHE B 204 -3.08 -30.43 -18.76
N LYS B 205 -2.53 -31.51 -18.21
CA LYS B 205 -3.17 -32.81 -18.41
C LYS B 205 -4.48 -32.85 -17.60
N ARG B 206 -5.58 -33.11 -18.29
CA ARG B 206 -6.90 -33.00 -17.67
C ARG B 206 -7.09 -33.94 -16.48
N GLU B 207 -6.57 -35.17 -16.58
CA GLU B 207 -6.70 -36.11 -15.45
C GLU B 207 -6.09 -35.55 -14.17
N LEU B 208 -5.01 -34.76 -14.29
CA LEU B 208 -4.43 -34.20 -13.08
C LEU B 208 -5.27 -33.05 -12.57
N LEU B 209 -5.85 -32.24 -13.47
CA LEU B 209 -6.80 -31.22 -13.06
C LEU B 209 -7.97 -31.82 -12.28
N GLU B 210 -8.47 -32.98 -12.73
CA GLU B 210 -9.63 -33.59 -12.08
C GLU B 210 -9.26 -34.16 -10.72
N ARG B 211 -8.06 -34.73 -10.58
CA ARG B 211 -7.64 -35.23 -9.27
C ARG B 211 -7.38 -34.09 -8.29
N LEU B 212 -7.37 -32.85 -8.73
CA LEU B 212 -6.81 -31.75 -7.94
C LEU B 212 -7.79 -30.96 -7.04
N GLY B 213 -9.11 -30.92 -7.26
CA GLY B 213 -9.84 -31.26 -8.45
C GLY B 213 -10.49 -29.97 -8.90
N GLY B 214 -10.12 -29.52 -10.08
CA GLY B 214 -10.55 -28.27 -10.56
C GLY B 214 -9.56 -27.19 -10.18
N PHE B 215 -9.96 -25.95 -10.47
CA PHE B 215 -9.14 -24.83 -10.05
C PHE B 215 -9.70 -24.26 -8.77
N PRO B 216 -8.84 -23.86 -7.85
CA PRO B 216 -9.32 -23.33 -6.56
C PRO B 216 -9.76 -21.88 -6.66
N THR B 217 -10.84 -21.55 -5.96
CA THR B 217 -11.40 -20.20 -5.97
C THR B 217 -10.79 -19.31 -4.88
N ASP B 218 -9.73 -19.79 -4.24
CA ASP B 218 -9.13 -19.24 -3.03
C ASP B 218 -7.86 -18.45 -3.31
N VAL B 219 -7.20 -18.73 -4.41
CA VAL B 219 -5.96 -18.05 -4.75
C VAL B 219 -6.15 -17.24 -6.02
N GLY B 220 -5.43 -16.12 -6.10
CA GLY B 220 -5.58 -15.24 -7.23
C GLY B 220 -4.93 -15.76 -8.50
N ALA B 221 -3.72 -16.34 -8.38
CA ALA B 221 -2.97 -16.82 -9.56
C ALA B 221 -3.29 -18.30 -9.82
N ASP B 222 -4.50 -18.53 -10.33
CA ASP B 222 -4.97 -19.84 -10.78
C ASP B 222 -3.90 -20.65 -11.51
N ASP B 223 -3.27 -20.01 -12.52
CA ASP B 223 -2.32 -20.65 -13.43
C ASP B 223 -1.16 -21.26 -12.63
N SER B 224 -0.46 -20.40 -11.89
CA SER B 224 0.71 -20.79 -11.11
C SER B 224 0.32 -21.69 -9.96
N HIS B 225 -0.86 -21.48 -9.37
CA HIS B 225 -1.25 -22.34 -8.28
C HIS B 225 -1.40 -23.78 -8.74
N THR B 226 -2.16 -23.97 -9.82
CA THR B 226 -2.31 -25.32 -10.35
C THR B 226 -0.97 -25.89 -10.79
N ALA B 227 -0.13 -25.09 -11.46
CA ALA B 227 1.15 -25.62 -11.93
C ALA B 227 2.00 -26.10 -10.75
N THR B 228 1.93 -25.38 -9.62
CA THR B 228 2.70 -25.70 -8.42
C THR B 228 2.12 -26.91 -7.71
N LYS B 229 0.79 -27.06 -7.73
CA LYS B 229 0.19 -28.27 -7.15
C LYS B 229 0.56 -29.50 -7.99
N ILE B 230 0.67 -29.35 -9.32
CA ILE B 230 1.13 -30.44 -10.18
C ILE B 230 2.60 -30.76 -9.90
N ALA B 231 3.41 -29.71 -9.67
CA ALA B 231 4.81 -29.94 -9.30
C ALA B 231 4.92 -30.70 -7.98
N MET B 232 4.06 -30.38 -7.00
CA MET B 232 4.10 -31.08 -5.72
C MET B 232 3.73 -32.55 -5.87
N MET B 233 2.90 -32.88 -6.86
CA MET B 233 2.58 -34.26 -7.14
C MET B 233 3.74 -35.02 -7.78
N GLY B 234 4.91 -34.40 -7.94
CA GLY B 234 6.02 -35.06 -8.57
C GLY B 234 5.95 -35.09 -10.07
N TYR B 235 5.10 -34.25 -10.68
CA TYR B 235 5.12 -34.09 -12.11
C TYR B 235 5.88 -32.80 -12.45
N ARG B 236 6.15 -32.61 -13.73
CA ARG B 236 6.91 -31.44 -14.15
C ARG B 236 5.96 -30.40 -14.74
N ALA B 237 6.23 -29.13 -14.43
CA ALA B 237 5.46 -28.00 -14.91
C ALA B 237 6.49 -27.05 -15.50
N ILE B 238 6.51 -26.91 -16.82
CA ILE B 238 7.64 -26.34 -17.53
C ILE B 238 7.18 -25.25 -18.48
N THR B 239 8.11 -24.33 -18.78
CA THR B 239 7.91 -23.30 -19.80
C THR B 239 9.07 -23.38 -20.81
N PRO B 240 8.92 -24.16 -21.89
CA PRO B 240 10.02 -24.30 -22.84
C PRO B 240 10.16 -23.09 -23.75
N PRO B 241 11.38 -22.73 -24.14
CA PRO B 241 11.62 -21.50 -24.93
C PRO B 241 10.92 -21.43 -26.29
N ASP B 242 10.41 -22.53 -26.81
CA ASP B 242 9.83 -22.50 -28.14
C ASP B 242 8.32 -22.35 -28.07
N VAL B 243 7.80 -22.23 -26.85
CA VAL B 243 6.40 -21.94 -26.62
C VAL B 243 6.39 -20.46 -26.22
N VAL B 244 6.17 -19.58 -27.21
CA VAL B 244 6.36 -18.14 -27.01
C VAL B 244 5.00 -17.48 -27.18
N CYS B 245 4.64 -16.66 -26.21
CA CYS B 245 3.46 -15.85 -26.36
C CYS B 245 3.82 -14.39 -26.19
N VAL B 246 2.93 -13.54 -26.63
CA VAL B 246 3.13 -12.10 -26.58
C VAL B 246 2.40 -11.56 -25.38
N GLU B 247 3.03 -10.65 -24.63
CA GLU B 247 2.35 -10.03 -23.49
C GLU B 247 1.16 -9.22 -23.98
N ALA B 248 0.06 -9.25 -23.26
CA ALA B 248 -0.97 -8.25 -23.47
C ALA B 248 -0.90 -7.22 -22.34
N VAL B 249 -0.48 -6.02 -22.67
CA VAL B 249 -0.40 -4.97 -21.67
C VAL B 249 -1.55 -4.08 -22.03
N PRO B 250 -2.40 -3.83 -21.05
CA PRO B 250 -3.66 -3.09 -21.02
C PRO B 250 -3.61 -1.64 -21.36
N LYS B 251 -2.54 -0.94 -20.96
CA LYS B 251 -2.32 0.52 -21.11
C LYS B 251 -3.15 1.35 -20.11
N ARG B 252 -4.47 1.21 -20.09
CA ARG B 252 -5.24 1.91 -19.10
C ARG B 252 -5.19 1.04 -17.85
N GLY B 253 -4.84 1.62 -16.71
CA GLY B 253 -4.71 0.88 -15.47
C GLY B 253 -3.44 0.06 -15.29
N TYR B 254 -2.36 0.49 -15.92
CA TYR B 254 -1.12 -0.27 -15.87
C TYR B 254 -0.50 -0.54 -14.52
N HIS B 255 -0.39 0.45 -13.65
CA HIS B 255 0.20 0.19 -12.35
C HIS B 255 -0.77 -0.61 -11.49
N ALA B 256 -2.04 -0.28 -11.60
CA ALA B 256 -3.04 -0.97 -10.85
C ALA B 256 -2.99 -2.41 -11.29
N TRP B 257 -2.80 -2.61 -12.59
CA TRP B 257 -2.73 -3.94 -13.16
C TRP B 257 -1.55 -4.72 -12.64
N ARG B 258 -0.41 -4.08 -12.53
CA ARG B 258 0.75 -4.76 -12.01
C ARG B 258 0.56 -5.16 -10.57
N ILE B 259 -0.08 -4.32 -9.78
CA ILE B 259 -0.39 -4.62 -8.41
C ILE B 259 -1.32 -5.82 -8.34
N ARG B 260 -2.31 -5.87 -9.22
CA ARG B 260 -3.19 -7.04 -9.24
C ARG B 260 -2.37 -8.34 -9.40
N ARG B 261 -1.45 -8.36 -10.28
CA ARG B 261 -0.67 -9.56 -10.55
C ARG B 261 0.21 -9.94 -9.37
N ALA B 262 1.06 -8.82 -8.97
CA ALA B 262 1.89 -9.01 -7.78
C ALA B 262 1.06 -9.56 -6.61
N GLN B 263 -0.16 -9.05 -6.43
CA GLN B 263 -1.01 -9.50 -5.35
C GLN B 263 -1.38 -10.98 -5.50
N HIS B 264 -1.72 -11.39 -6.72
CA HIS B 264 -2.01 -12.80 -6.96
C HIS B 264 -0.77 -13.68 -6.72
N LEU B 265 0.40 -13.23 -7.16
CA LEU B 265 1.63 -13.97 -6.93
C LEU B 265 1.97 -14.09 -5.45
N VAL B 266 1.70 -13.04 -4.67
CA VAL B 266 1.96 -13.09 -3.24
C VAL B 266 1.00 -14.05 -2.57
N GLN B 267 -0.30 -13.99 -2.93
CA GLN B 267 -1.23 -14.95 -2.35
C GLN B 267 -0.76 -16.36 -2.66
N HIS B 268 -0.38 -16.58 -3.93
CA HIS B 268 0.07 -17.89 -4.38
C HIS B 268 1.24 -18.39 -3.55
N PHE B 269 2.34 -17.63 -3.50
CA PHE B 269 3.52 -18.12 -2.80
C PHE B 269 3.30 -18.29 -1.29
N ALA B 270 2.52 -17.39 -0.68
CA ALA B 270 2.22 -17.55 0.73
C ALA B 270 1.48 -18.85 0.98
N LYS B 271 0.49 -19.17 0.15
CA LYS B 271 -0.25 -20.40 0.36
C LYS B 271 0.61 -21.62 0.05
N ALA B 272 1.48 -21.50 -0.96
CA ALA B 272 2.25 -22.64 -1.43
C ALA B 272 3.32 -23.08 -0.42
N ILE B 273 4.08 -22.14 0.17
CA ILE B 273 5.10 -22.67 1.09
C ILE B 273 4.49 -22.99 2.44
N ARG B 274 3.24 -22.58 2.68
CA ARG B 274 2.50 -23.04 3.83
C ARG B 274 1.78 -24.36 3.50
N ASP B 275 2.32 -25.05 2.49
CA ASP B 275 2.09 -26.44 2.08
C ASP B 275 3.40 -27.18 2.24
N GLY B 276 3.30 -28.38 2.80
CA GLY B 276 4.47 -29.15 3.12
C GLY B 276 5.06 -29.95 2.00
N LYS B 277 6.30 -30.35 2.28
CA LYS B 277 7.09 -31.36 1.59
C LYS B 277 6.99 -31.33 0.06
N ALA B 278 7.65 -30.35 -0.56
CA ALA B 278 7.85 -30.40 -1.99
C ALA B 278 8.85 -31.52 -2.33
N PRO B 279 8.67 -32.18 -3.47
CA PRO B 279 9.72 -33.13 -3.94
C PRO B 279 11.08 -32.47 -3.96
N PRO B 280 12.15 -33.25 -3.81
CA PRO B 280 13.47 -32.66 -3.53
C PRO B 280 13.96 -31.68 -4.61
N PRO B 281 13.87 -31.99 -5.91
CA PRO B 281 14.43 -31.03 -6.87
C PRO B 281 13.63 -29.75 -6.96
N PHE B 282 12.43 -29.70 -6.37
CA PHE B 282 11.56 -28.54 -6.47
C PHE B 282 11.60 -27.64 -5.24
N LYS B 283 11.95 -28.18 -4.07
CA LYS B 283 11.88 -27.37 -2.84
C LYS B 283 12.86 -26.21 -2.87
N PRO B 284 14.10 -26.35 -3.37
CA PRO B 284 14.93 -25.16 -3.56
C PRO B 284 14.27 -24.11 -4.43
N ILE B 285 13.67 -24.53 -5.54
CA ILE B 285 13.04 -23.60 -6.46
C ILE B 285 11.89 -22.87 -5.76
N LEU B 286 11.00 -23.65 -5.12
CA LEU B 286 9.83 -23.06 -4.48
C LEU B 286 10.24 -22.07 -3.40
N HIS B 287 11.20 -22.46 -2.57
CA HIS B 287 11.61 -21.59 -1.47
C HIS B 287 12.38 -20.37 -1.96
N ALA B 288 13.18 -20.52 -3.02
CA ALA B 288 13.87 -19.37 -3.56
C ALA B 288 12.90 -18.37 -4.15
N GLU B 289 11.89 -18.87 -4.86
CA GLU B 289 11.00 -17.93 -5.52
C GLU B 289 10.02 -17.33 -4.51
N ALA B 290 9.64 -18.10 -3.49
CA ALA B 290 8.84 -17.53 -2.41
C ALA B 290 9.63 -16.51 -1.62
N TYR B 291 10.93 -16.74 -1.43
CA TYR B 291 11.75 -15.73 -0.76
C TYR B 291 11.79 -14.44 -1.58
N LEU B 292 12.11 -14.56 -2.88
CA LEU B 292 12.18 -13.38 -3.75
C LEU B 292 10.85 -12.65 -3.81
N HIS B 293 9.73 -13.34 -3.62
CA HIS B 293 8.47 -12.64 -3.74
C HIS B 293 7.93 -12.09 -2.43
N LEU B 294 8.24 -12.72 -1.29
CA LEU B 294 7.66 -12.33 -0.01
C LEU B 294 8.65 -11.71 0.97
N ALA B 295 9.96 -11.92 0.79
CA ALA B 295 10.93 -11.49 1.79
C ALA B 295 11.84 -10.39 1.28
N ASN B 296 12.64 -10.65 0.24
CA ASN B 296 13.57 -9.66 -0.29
C ASN B 296 13.00 -8.26 -0.57
N PRO B 297 11.78 -8.13 -1.14
CA PRO B 297 11.28 -6.79 -1.44
C PRO B 297 11.31 -5.85 -0.25
N TRP B 298 10.95 -6.34 0.94
CA TRP B 298 10.98 -5.52 2.14
C TRP B 298 12.38 -5.02 2.44
N ALA B 299 13.39 -5.82 2.10
CA ALA B 299 14.76 -5.41 2.33
C ALA B 299 15.06 -4.10 1.62
N LEU B 300 14.57 -3.95 0.37
CA LEU B 300 14.98 -2.74 -0.37
C LEU B 300 14.61 -1.40 0.29
N PRO B 301 13.33 -1.09 0.56
CA PRO B 301 13.04 0.24 1.12
C PRO B 301 13.46 0.39 2.59
N THR B 302 13.63 -0.68 3.36
CA THR B 302 14.19 -0.54 4.70
C THR B 302 15.62 -0.03 4.65
N ALA B 303 16.42 -0.55 3.73
CA ALA B 303 17.74 0.03 3.49
C ALA B 303 17.63 1.48 3.05
N ALA B 304 16.67 1.76 2.16
CA ALA B 304 16.48 3.13 1.67
C ALA B 304 16.19 4.10 2.82
N ALA B 305 15.27 3.73 3.72
CA ALA B 305 14.86 4.64 4.78
C ALA B 305 15.95 4.79 5.82
N ALA B 306 16.66 3.71 6.14
CA ALA B 306 17.79 3.84 7.04
C ALA B 306 18.85 4.76 6.45
N LEU B 307 19.15 4.62 5.15
CA LEU B 307 20.11 5.53 4.54
C LEU B 307 19.57 6.96 4.47
N ALA B 308 18.26 7.13 4.30
CA ALA B 308 17.68 8.47 4.27
C ALA B 308 17.83 9.17 5.61
N ALA B 309 17.52 8.47 6.70
CA ALA B 309 17.65 9.05 8.03
C ALA B 309 19.11 9.31 8.38
N ALA B 310 19.99 8.32 8.17
CA ALA B 310 21.40 8.53 8.42
C ALA B 310 21.95 9.68 7.58
N ALA B 311 21.39 9.86 6.39
CA ALA B 311 21.83 10.89 5.47
C ALA B 311 21.40 12.29 5.90
N ALA B 312 20.09 12.53 5.97
CA ALA B 312 19.58 13.88 6.21
C ALA B 312 20.07 14.45 7.53
N ALA B 313 20.28 13.60 8.53
CA ALA B 313 20.78 14.00 9.83
C ALA B 313 22.20 13.47 10.00
N GLY B 314 23.19 14.33 9.74
CA GLY B 314 24.59 14.00 9.92
C GLY B 314 25.38 13.53 8.72
N SER B 315 26.48 12.80 8.97
CA SER B 315 27.50 12.51 7.96
C SER B 315 26.91 11.78 6.76
N LEU B 316 27.54 12.00 5.59
CA LEU B 316 26.98 11.55 4.31
C LEU B 316 27.91 10.73 3.42
N PRO B 317 28.54 9.67 3.94
CA PRO B 317 28.87 8.56 3.04
C PRO B 317 27.58 7.87 2.61
N ALA B 318 26.66 7.77 3.59
CA ALA B 318 25.31 7.26 3.35
C ALA B 318 24.64 7.96 2.18
N ALA B 319 24.58 9.31 2.21
CA ALA B 319 23.95 10.02 1.09
C ALA B 319 24.84 10.08 -0.13
N ALA B 320 26.16 10.00 0.02
CA ALA B 320 27.00 9.98 -1.16
C ALA B 320 26.61 8.84 -2.09
N LEU B 321 26.61 7.60 -1.60
CA LEU B 321 26.15 6.67 -2.63
C LEU B 321 24.74 6.10 -2.35
N LEU B 322 23.95 6.75 -1.49
CA LEU B 322 22.52 6.87 -1.75
C LEU B 322 22.29 7.61 -3.07
N ALA B 323 23.15 8.59 -3.34
CA ALA B 323 23.20 9.18 -4.67
C ALA B 323 23.63 8.15 -5.72
N THR B 324 24.52 7.19 -5.39
CA THR B 324 24.62 6.07 -6.36
C THR B 324 23.25 5.53 -6.67
N GLY B 325 22.53 5.12 -5.63
CA GLY B 325 21.21 4.54 -5.83
C GLY B 325 20.38 5.35 -6.79
N ALA B 326 20.37 6.67 -6.59
CA ALA B 326 19.61 7.54 -7.48
C ALA B 326 20.18 7.54 -8.91
N ALA B 327 21.47 7.88 -9.05
CA ALA B 327 22.14 7.96 -10.36
C ALA B 327 22.09 6.64 -11.12
N LEU B 328 22.62 5.23 -10.69
CA LEU B 328 22.36 3.95 -11.34
C LEU B 328 20.87 3.62 -11.36
N ALA B 329 20.03 4.49 -10.75
CA ALA B 329 18.59 4.25 -10.73
C ALA B 329 17.92 4.40 -12.10
N LEU B 330 18.47 5.14 -13.03
CA LEU B 330 18.09 4.90 -14.42
C LEU B 330 19.26 4.54 -15.29
N TYR B 331 19.86 3.39 -14.93
CA TYR B 331 20.02 2.31 -15.89
C TYR B 331 18.74 1.47 -15.79
N LYS B 332 18.16 1.07 -16.93
CA LYS B 332 16.71 0.84 -16.83
C LYS B 332 16.31 -0.58 -16.42
N PRO B 333 17.17 -1.60 -16.56
CA PRO B 333 16.82 -2.88 -15.90
C PRO B 333 16.86 -2.78 -14.38
N TYR B 334 17.76 -1.98 -13.81
CA TYR B 334 17.76 -1.73 -12.37
C TYR B 334 16.44 -1.14 -11.94
N ARG B 335 15.80 0.09 -12.95
CA ARG B 335 14.48 0.70 -12.77
C ARG B 335 13.38 -0.37 -12.70
N THR B 336 13.34 -1.29 -13.67
CA THR B 336 12.30 -2.31 -13.66
C THR B 336 12.46 -3.27 -12.49
N TRP B 337 13.69 -3.47 -12.01
CA TRP B 337 13.86 -4.25 -10.79
C TRP B 337 13.25 -3.55 -9.57
N THR B 338 13.68 -2.30 -9.29
CA THR B 338 13.15 -1.59 -8.12
C THR B 338 11.65 -1.35 -8.24
N THR B 339 11.16 -1.14 -9.45
CA THR B 339 9.73 -1.00 -9.66
C THR B 339 9.00 -2.31 -9.36
N MET B 340 9.58 -3.46 -9.74
CA MET B 340 8.95 -4.72 -9.37
C MET B 340 8.91 -4.88 -7.85
N GLN B 341 9.99 -4.53 -7.16
CA GLN B 341 9.96 -4.62 -5.69
C GLN B 341 8.87 -3.73 -5.13
N ALA B 342 8.68 -2.55 -5.74
CA ALA B 342 7.60 -1.65 -5.31
C ALA B 342 6.25 -2.31 -5.43
N TYR B 343 5.95 -2.87 -6.60
CA TYR B 343 4.68 -3.59 -6.76
C TYR B 343 4.55 -4.69 -5.73
N LEU B 344 5.66 -5.35 -5.39
CA LEU B 344 5.60 -6.47 -4.45
C LEU B 344 5.18 -6.01 -3.07
N ILE B 345 5.78 -4.89 -2.63
CA ILE B 345 5.46 -4.34 -1.32
C ILE B 345 4.03 -3.79 -1.31
N ALA B 346 3.68 -2.99 -2.34
CA ALA B 346 2.28 -2.59 -2.50
C ALA B 346 1.34 -3.77 -2.36
N ALA B 347 1.69 -4.91 -2.99
CA ALA B 347 0.81 -6.07 -3.05
C ALA B 347 0.65 -6.73 -1.69
N ALA B 348 1.77 -6.91 -0.96
CA ALA B 348 1.66 -7.44 0.39
C ALA B 348 0.78 -6.54 1.26
N VAL B 349 1.04 -5.22 1.25
CA VAL B 349 0.23 -4.27 2.03
C VAL B 349 -1.24 -4.39 1.65
N LYS B 350 -1.54 -4.33 0.35
CA LYS B 350 -2.92 -4.42 -0.10
C LYS B 350 -3.56 -5.77 0.23
N ASN B 351 -2.79 -6.86 0.19
CA ASN B 351 -3.34 -8.14 0.59
C ASN B 351 -3.75 -8.12 2.05
N LEU B 352 -2.83 -7.62 2.89
CA LEU B 352 -3.04 -7.49 4.32
C LEU B 352 -4.26 -6.63 4.67
N TRP B 353 -4.47 -5.51 3.97
CA TRP B 353 -5.54 -4.58 4.32
C TRP B 353 -6.83 -4.80 3.54
N ASP B 354 -6.80 -5.67 2.52
CA ASP B 354 -8.05 -6.08 1.85
C ASP B 354 -8.90 -6.94 2.79
N LYS B 355 -8.28 -7.78 3.62
CA LYS B 355 -9.05 -8.57 4.58
C LYS B 355 -9.70 -7.68 5.64
N GLU B 356 -9.08 -6.54 5.94
CA GLU B 356 -9.51 -5.58 6.96
C GLU B 356 -9.71 -6.20 8.34
N2 GDD C . -14.53 23.80 3.30
C2 GDD C . -14.03 22.47 3.30
N1 GDD C . -13.57 21.84 2.09
N3 GDD C . -13.99 21.79 4.47
C4 GDD C . -13.47 20.40 4.50
C5 GDD C . -13.02 19.78 3.33
C6 GDD C . -13.07 20.52 2.09
O6 GDD C . -12.69 19.99 1.07
N7 GDD C . -12.62 18.55 3.67
C8 GDD C . -12.79 18.37 4.97
N9 GDD C . -13.32 19.49 5.49
C1' GDD C . -13.62 19.78 6.84
C2' GDD C . -14.58 18.88 7.42
O2' GDD C . -15.91 19.35 7.21
C3' GDD C . -14.17 18.78 8.81
O3' GDD C . -14.64 19.88 9.61
C4' GDD C . -12.74 18.84 8.77
O4' GDD C . -12.36 19.63 7.56
C5' GDD C . -12.12 17.54 8.67
O5' GDD C . -12.48 16.91 7.46
PA GDD C . -12.13 15.40 7.31
O1A GDD C . -12.42 14.87 5.92
O2A GDD C . -12.90 14.63 8.35
O3A GDD C . -10.55 15.44 7.58
PB GDD C . -9.88 14.51 8.67
O2B GDD C . -10.80 14.37 9.83
O3B GDD C . -9.60 13.15 8.08
O1B GDD C . -8.54 15.19 9.13
C11 GDD C . -8.51 16.55 9.58
O51 GDD C . -7.75 16.64 10.72
C51 GDD C . -6.47 16.14 10.56
C61 GDD C . -5.71 16.53 11.79
O6A GDD C . -6.28 16.02 12.96
C21 GDD C . -7.92 17.52 8.60
O21 GDD C . -7.78 18.73 9.21
C31 GDD C . -6.57 16.98 8.17
O31 GDD C . -5.95 17.88 7.31
C41 GDD C . -5.73 16.67 9.38
O41 GDD C . -4.73 15.72 9.02
MN MN D . -12.65 14.46 11.49
N2 GDD E . -16.15 -16.39 -17.03
C2 GDD E . -15.38 -15.42 -16.32
N1 GDD E . -15.77 -14.99 -14.98
N3 GDD E . -14.28 -14.91 -16.93
C4 GDD E . -13.47 -13.90 -16.24
C5 GDD E . -13.82 -13.45 -14.95
C6 GDD E . -14.99 -14.03 -14.31
O6 GDD E . -15.32 -13.68 -13.17
N7 GDD E . -12.88 -12.56 -14.58
C8 GDD E . -11.98 -12.42 -15.57
N9 GDD E . -12.34 -13.22 -16.61
C1' GDD E . -11.70 -13.46 -17.85
C2' GDD E . -11.48 -12.31 -18.69
O2' GDD E . -12.54 -12.21 -19.64
C3' GDD E . -10.15 -12.51 -19.26
O3' GDD E . -10.14 -13.15 -20.56
C4' GDD E . -9.39 -13.35 -18.37
O4' GDD E . -10.40 -14.10 -17.56
C5' GDD E . -8.55 -12.57 -17.50
O5' GDD E . -9.32 -11.61 -16.82
PA GDD E . -8.61 -10.47 -16.05
O1A GDD E . -9.60 -9.59 -15.32
O2A GDD E . -7.86 -9.65 -17.06
O3A GDD E . -7.64 -11.22 -15.02
PB GDD E . -6.12 -10.83 -15.01
O2B GDD E . -5.64 -10.53 -16.40
O3B GDD E . -5.95 -9.60 -14.16
O1B GDD E . -5.34 -12.08 -14.43
C11 GDD E . -5.56 -13.36 -15.03
O51 GDD E . -4.44 -13.98 -15.57
C51 GDD E . -3.41 -14.15 -14.63
C61 GDD E . -2.34 -14.97 -15.29
O6A GDD E . -1.36 -14.14 -15.86
C21 GDD E . -6.15 -14.28 -14.01
O21 GDD E . -6.28 -15.52 -14.51
C31 GDD E . -5.18 -14.33 -12.88
O31 GDD E . -5.70 -15.15 -11.91
C41 GDD E . -3.84 -14.81 -13.38
O41 GDD E . -2.89 -14.51 -12.37
MN MN F . -5.36 -9.09 -18.95
#